data_2QM6
#
_entry.id   2QM6
#
_cell.length_a   54.983
_cell.length_b   104.762
_cell.length_c   91.910
_cell.angle_alpha   90.00
_cell.angle_beta   91.85
_cell.angle_gamma   90.00
#
_symmetry.space_group_name_H-M   'P 1 21 1'
#
loop_
_entity.id
_entity.type
_entity.pdbx_description
1 polymer Gamma-glutamyltranspeptidase
2 polymer Gamma-glutamyltranspeptidase
3 non-polymer 'GLUTAMIC ACID'
4 water water
#
loop_
_entity_poly.entity_id
_entity_poly.type
_entity_poly.pdbx_seq_one_letter_code
_entity_poly.pdbx_strand_id
1 'polypeptide(L)'
;MGSSHHHHHHSSGLVPRGSHMASAASYPPIKNTKVGLALSSHPLASEIGQKVLEEGGNAIDAAVAIGFALAVVHPAAGNI
GGGGFAVIHLANGENVALDFREKAPLKATKNMFLDKQGNVVPKLSEDGYLAAGVPGTVAGMEAMLKKYGTKKLSQLIDPA
IKLAENGYAISQRQAETLKEARERFLKYSSSKKYFFKKGHLDYQEGDLFVQKDLAKTLNQIKTLGAKGFYQGQVAELIEK
DMKKNGGIITKEDLASYNVKWRKPVVGSYRGYKIISMSPPSSGGTHLIQILNVMENADLSALGYGASKNIHIAAEAMRQA
YADRSVYMGDADFVSVPVDKLINKAYAKKIFDTIQPDTVTPSSQIKPGMGQLHEGSN
;
A,C
2 'polypeptide(L)'
;TTHYSVADRWGNAVSVTYTINASYGSAASIDGAGFLLNNEMDDFSIKPGNPNLYGLVGGDANAIEANKRPLSSMSPTIVL
KNNKVFLVVGSPGGSRIITTVLQVISNVIDYNMNISEAVSAPRFHMQWLPDELRIEKFGMPADVKDNLTKMGYQIVTKPV
MGDVNAIQVLPKTKGSVFYGSTDPRKEF
;
B,D
#
# COMPACT_ATOMS: atom_id res chain seq x y z
N ILE A 30 6.09 5.24 7.33
CA ILE A 30 7.36 5.42 8.07
C ILE A 30 7.49 6.88 8.47
N LYS A 31 7.64 7.13 9.76
CA LYS A 31 7.69 8.49 10.27
C LYS A 31 8.72 8.62 11.38
N ASN A 32 9.44 9.74 11.41
CA ASN A 32 10.38 10.06 12.48
C ASN A 32 10.39 11.56 12.73
N THR A 33 10.41 11.95 14.00
CA THR A 33 10.44 13.37 14.35
C THR A 33 11.65 13.77 15.20
N LYS A 34 12.63 12.87 15.35
CA LYS A 34 13.77 13.11 16.26
C LYS A 34 15.15 13.03 15.60
N VAL A 35 15.44 11.92 14.92
CA VAL A 35 16.79 11.72 14.35
C VAL A 35 16.80 11.60 12.82
N GLY A 36 15.63 11.58 12.20
CA GLY A 36 15.53 11.40 10.77
C GLY A 36 15.32 9.95 10.37
N LEU A 37 15.61 9.63 9.11
CA LEU A 37 15.32 8.31 8.55
C LEU A 37 16.47 7.80 7.70
N ALA A 38 16.71 6.50 7.75
CA ALA A 38 17.67 5.84 6.87
C ALA A 38 16.92 4.69 6.24
N LEU A 39 16.69 4.79 4.93
CA LEU A 39 15.78 3.88 4.23
C LEU A 39 16.47 3.12 3.09
N SER A 40 16.38 1.79 3.12
CA SER A 40 16.95 0.93 2.08
C SER A 40 15.97 -0.19 1.70
N SER A 41 16.37 -1.02 0.72
CA SER A 41 15.55 -2.15 0.26
C SER A 41 15.68 -3.41 1.11
N HIS A 42 16.48 -3.36 2.18
CA HIS A 42 16.56 -4.51 3.09
C HIS A 42 16.40 -4.05 4.54
N PRO A 43 15.39 -4.61 5.25
CA PRO A 43 15.14 -4.18 6.63
C PRO A 43 16.35 -4.29 7.57
N LEU A 44 17.22 -5.27 7.36
CA LEU A 44 18.39 -5.40 8.25
C LEU A 44 19.33 -4.23 8.02
N ALA A 45 19.48 -3.82 6.77
CA ALA A 45 20.35 -2.66 6.46
C ALA A 45 19.72 -1.35 6.91
N SER A 46 18.41 -1.20 6.72
CA SER A 46 17.71 0.02 7.18
C SER A 46 17.83 0.15 8.70
N GLU A 47 17.64 -0.95 9.42
CA GLU A 47 17.80 -0.99 10.88
C GLU A 47 19.19 -0.54 11.32
N ILE A 48 20.22 -1.00 10.60
CA ILE A 48 21.59 -0.63 10.89
C ILE A 48 21.80 0.90 10.72
N GLY A 49 21.30 1.44 9.61
CA GLY A 49 21.38 2.87 9.35
C GLY A 49 20.61 3.68 10.37
N GLN A 50 19.42 3.21 10.71
CA GLN A 50 18.58 3.93 11.65
C GLN A 50 19.24 3.99 13.02
N LYS A 51 19.87 2.87 13.42
CA LYS A 51 20.59 2.78 14.69
C LYS A 51 21.75 3.78 14.74
N VAL A 52 22.46 3.95 13.62
CA VAL A 52 23.54 4.94 13.56
C VAL A 52 22.98 6.34 13.83
N LEU A 53 21.83 6.66 13.22
CA LEU A 53 21.17 7.94 13.50
C LEU A 53 20.76 8.04 14.97
N GLU A 54 20.17 6.98 15.53
CA GLU A 54 19.75 6.99 16.94
C GLU A 54 20.90 7.21 17.89
N GLU A 55 22.07 6.68 17.54
CA GLU A 55 23.27 6.76 18.38
C GLU A 55 24.07 8.05 18.15
N GLY A 56 23.53 8.95 17.33
CA GLY A 56 24.10 10.28 17.18
C GLY A 56 24.99 10.49 15.97
N GLY A 57 25.03 9.50 15.08
CA GLY A 57 25.75 9.66 13.82
C GLY A 57 24.98 10.55 12.85
N ASN A 58 25.68 11.12 11.87
CA ASN A 58 24.99 11.91 10.83
C ASN A 58 24.55 11.10 9.59
N ALA A 59 23.92 11.76 8.64
CA ALA A 59 23.39 11.09 7.44
C ALA A 59 24.47 10.35 6.66
N ILE A 60 25.67 10.91 6.62
CA ILE A 60 26.81 10.25 5.93
C ILE A 60 27.26 8.98 6.67
N ASP A 61 27.42 9.08 7.99
CA ASP A 61 27.71 7.92 8.84
C ASP A 61 26.74 6.78 8.57
N ALA A 62 25.43 7.09 8.60
CA ALA A 62 24.39 6.07 8.36
C ALA A 62 24.49 5.51 6.95
N ALA A 63 24.74 6.36 5.97
CA ALA A 63 24.84 5.90 4.58
C ALA A 63 25.99 4.93 4.39
N VAL A 64 27.10 5.16 5.10
CA VAL A 64 28.26 4.28 4.99
C VAL A 64 27.95 2.93 5.63
N ALA A 65 27.30 2.94 6.80
CA ALA A 65 26.92 1.67 7.45
C ALA A 65 26.00 0.86 6.55
N ILE A 66 25.03 1.55 5.93
CA ILE A 66 24.10 0.88 4.99
C ILE A 66 24.81 0.31 3.78
N GLY A 67 25.74 1.06 3.19
CA GLY A 67 26.48 0.57 2.01
C GLY A 67 27.21 -0.72 2.29
N PHE A 68 27.82 -0.83 3.45
CA PHE A 68 28.46 -2.10 3.77
C PHE A 68 27.45 -3.18 4.15
N ALA A 69 26.39 -2.84 4.88
CA ALA A 69 25.39 -3.84 5.25
C ALA A 69 24.73 -4.47 4.02
N LEU A 70 24.38 -3.65 3.04
CA LEU A 70 23.75 -4.17 1.81
C LEU A 70 24.67 -5.07 1.00
N ALA A 71 25.99 -4.86 1.10
CA ALA A 71 26.98 -5.75 0.46
C ALA A 71 26.92 -7.18 0.99
N VAL A 72 26.36 -7.32 2.19
CA VAL A 72 26.21 -8.63 2.84
C VAL A 72 24.81 -9.19 2.63
N VAL A 73 23.80 -8.38 2.95
CA VAL A 73 22.41 -8.88 3.00
C VAL A 73 21.63 -8.78 1.70
N HIS A 74 22.19 -8.07 0.71
CA HIS A 74 21.50 -7.87 -0.57
C HIS A 74 22.49 -8.05 -1.73
N PRO A 75 23.12 -9.25 -1.82
CA PRO A 75 24.21 -9.44 -2.79
C PRO A 75 23.83 -9.35 -4.28
N ALA A 76 22.53 -9.40 -4.61
CA ALA A 76 22.14 -9.17 -5.99
C ALA A 76 22.50 -7.77 -6.48
N ALA A 77 22.62 -6.84 -5.52
CA ALA A 77 22.66 -5.40 -5.81
C ALA A 77 23.64 -4.65 -4.90
N GLY A 78 23.42 -4.74 -3.60
CA GLY A 78 24.40 -4.26 -2.60
C GLY A 78 25.71 -4.98 -2.86
N ASN A 79 26.83 -4.31 -2.59
CA ASN A 79 28.10 -4.79 -3.11
C ASN A 79 29.32 -4.12 -2.54
N ILE A 80 30.44 -4.84 -2.58
CA ILE A 80 31.74 -4.17 -2.58
C ILE A 80 32.46 -4.33 -3.92
N GLY A 81 31.86 -5.10 -4.83
CA GLY A 81 32.50 -5.39 -6.13
C GLY A 81 32.04 -4.53 -7.29
N GLY A 82 31.26 -3.50 -6.99
CA GLY A 82 30.69 -2.62 -8.00
C GLY A 82 31.02 -1.16 -7.76
N GLY A 83 30.03 -0.29 -7.97
CA GLY A 83 30.25 1.16 -7.87
C GLY A 83 28.94 1.90 -7.84
N GLY A 84 29.02 3.22 -7.79
CA GLY A 84 27.81 4.03 -7.82
C GLY A 84 28.07 5.49 -7.56
N PHE A 85 27.02 6.16 -7.08
CA PHE A 85 27.03 7.61 -6.89
C PHE A 85 26.34 8.01 -5.61
N ALA A 86 26.82 9.09 -5.00
CA ALA A 86 26.12 9.72 -3.88
C ALA A 86 25.92 11.18 -4.20
N VAL A 87 24.68 11.64 -4.01
CA VAL A 87 24.37 13.05 -4.07
C VAL A 87 24.09 13.47 -2.63
N ILE A 88 24.75 14.54 -2.19
CA ILE A 88 24.72 14.94 -0.79
C ILE A 88 24.38 16.42 -0.66
N HIS A 89 23.40 16.72 0.20
CA HIS A 89 23.12 18.09 0.61
C HIS A 89 23.58 18.23 2.03
N LEU A 90 24.52 19.14 2.26
CA LEU A 90 25.10 19.33 3.57
C LEU A 90 24.32 20.32 4.42
N ALA A 91 24.41 20.15 5.73
CA ALA A 91 23.76 21.04 6.71
C ALA A 91 24.04 22.51 6.43
N ASN A 92 25.23 22.83 5.92
CA ASN A 92 25.59 24.22 5.67
C ASN A 92 25.06 24.79 4.34
N GLY A 93 24.36 23.95 3.59
CA GLY A 93 23.73 24.38 2.34
C GLY A 93 24.45 23.96 1.07
N GLU A 94 25.68 23.44 1.19
CA GLU A 94 26.43 22.98 0.02
C GLU A 94 25.79 21.72 -0.55
N ASN A 95 25.85 21.59 -1.87
CA ASN A 95 25.40 20.37 -2.57
C ASN A 95 26.56 19.80 -3.35
N VAL A 96 26.86 18.52 -3.12
CA VAL A 96 28.01 17.88 -3.73
C VAL A 96 27.63 16.51 -4.27
N ALA A 97 28.40 16.00 -5.22
CA ALA A 97 28.19 14.67 -5.80
C ALA A 97 29.47 13.87 -5.71
N LEU A 98 29.33 12.61 -5.37
CA LEU A 98 30.45 11.70 -5.33
C LEU A 98 30.31 10.65 -6.43
N ASP A 99 31.31 10.62 -7.28
CA ASP A 99 31.44 9.62 -8.35
C ASP A 99 32.34 8.51 -7.85
N PHE A 100 31.74 7.36 -7.52
CA PHE A 100 32.51 6.13 -7.24
C PHE A 100 32.12 5.03 -8.23
N ARG A 101 31.95 5.48 -9.47
CA ARG A 101 31.66 4.60 -10.61
C ARG A 101 32.91 3.81 -11.00
N GLU A 102 32.70 2.57 -11.45
CA GLU A 102 33.81 1.72 -11.92
C GLU A 102 34.52 2.37 -13.09
N LYS A 103 35.80 2.03 -13.24
CA LYS A 103 36.58 2.48 -14.39
C LYS A 103 36.90 1.29 -15.29
N ALA A 104 36.90 1.51 -16.61
CA ALA A 104 37.45 0.50 -17.52
C ALA A 104 38.90 0.23 -17.09
N PRO A 105 39.30 -1.05 -17.01
CA PRO A 105 40.70 -1.36 -16.66
C PRO A 105 41.71 -0.75 -17.64
N LEU A 106 42.96 -0.63 -17.20
CA LEU A 106 44.04 -0.08 -18.01
C LEU A 106 44.21 -0.80 -19.36
N LYS A 107 43.93 -2.10 -19.38
CA LYS A 107 44.05 -2.94 -20.58
C LYS A 107 42.80 -2.96 -21.47
N ALA A 108 41.73 -2.29 -21.03
CA ALA A 108 40.50 -2.22 -21.82
C ALA A 108 40.74 -1.52 -23.15
N THR A 109 40.03 -1.96 -24.19
CA THR A 109 40.11 -1.34 -25.51
C THR A 109 38.72 -1.22 -26.12
N LYS A 110 38.56 -0.30 -27.06
CA LYS A 110 37.30 -0.05 -27.75
C LYS A 110 36.56 -1.32 -28.21
N ASN A 111 37.27 -2.21 -28.90
CA ASN A 111 36.64 -3.38 -29.50
C ASN A 111 36.83 -4.67 -28.70
N MET A 112 37.08 -4.56 -27.40
CA MET A 112 37.43 -5.73 -26.57
C MET A 112 36.37 -6.83 -26.50
N PHE A 113 35.11 -6.47 -26.79
CA PHE A 113 34.02 -7.46 -26.72
C PHE A 113 33.56 -7.96 -28.10
N LEU A 114 34.36 -7.66 -29.13
CA LEU A 114 34.05 -8.10 -30.49
C LEU A 114 35.01 -9.19 -30.94
N ASP A 115 34.55 -9.99 -31.89
CA ASP A 115 35.38 -11.05 -32.48
C ASP A 115 36.26 -10.49 -33.60
N LYS A 116 36.96 -11.36 -34.34
CA LYS A 116 37.84 -10.91 -35.41
C LYS A 116 37.11 -10.16 -36.52
N GLN A 117 35.82 -10.49 -36.69
CA GLN A 117 35.01 -9.91 -37.75
C GLN A 117 34.23 -8.68 -37.32
N GLY A 118 34.43 -8.26 -36.06
CA GLY A 118 33.80 -7.04 -35.56
C GLY A 118 32.40 -7.23 -35.02
N ASN A 119 32.06 -8.49 -34.72
CA ASN A 119 30.73 -8.79 -34.17
C ASN A 119 30.80 -9.12 -32.68
N VAL A 120 29.74 -8.75 -31.97
CA VAL A 120 29.67 -8.96 -30.52
C VAL A 120 29.87 -10.45 -30.22
N VAL A 121 30.76 -10.73 -29.26
CA VAL A 121 30.91 -12.06 -28.68
C VAL A 121 29.83 -12.24 -27.62
N PRO A 122 28.84 -13.14 -27.88
CA PRO A 122 27.68 -13.27 -26.97
C PRO A 122 28.08 -13.51 -25.51
N LYS A 123 27.48 -12.71 -24.62
CA LYS A 123 27.71 -12.76 -23.15
C LYS A 123 29.08 -12.30 -22.62
N LEU A 124 30.01 -11.90 -23.49
CA LEU A 124 31.35 -11.53 -23.00
C LEU A 124 31.33 -10.28 -22.11
N SER A 125 30.43 -9.35 -22.43
CA SER A 125 30.27 -8.14 -21.63
C SER A 125 29.31 -8.33 -20.45
N GLU A 126 28.73 -9.53 -20.32
CA GLU A 126 27.67 -9.78 -19.33
C GLU A 126 28.07 -10.79 -18.25
N ASP A 127 28.71 -11.87 -18.67
CA ASP A 127 29.00 -12.98 -17.77
C ASP A 127 30.50 -13.15 -17.62
N GLY A 128 30.99 -13.18 -16.38
CA GLY A 128 32.39 -13.53 -16.19
C GLY A 128 33.33 -12.37 -15.93
N TYR A 129 34.62 -12.68 -15.89
CA TYR A 129 35.60 -11.76 -15.31
C TYR A 129 35.95 -10.57 -16.19
N LEU A 130 35.84 -10.73 -17.51
CA LEU A 130 36.13 -9.63 -18.44
C LEU A 130 35.02 -8.55 -18.44
N ALA A 131 33.85 -8.89 -17.88
CA ALA A 131 32.71 -7.98 -17.87
C ALA A 131 32.85 -6.91 -16.79
N ALA A 132 33.86 -7.04 -15.94
CA ALA A 132 34.02 -6.17 -14.75
C ALA A 132 34.81 -4.88 -14.99
N GLY A 133 34.28 -3.76 -14.48
CA GLY A 133 35.10 -2.54 -14.32
C GLY A 133 35.80 -2.56 -12.96
N VAL A 134 36.77 -1.67 -12.78
CA VAL A 134 37.49 -1.60 -11.50
C VAL A 134 36.54 -1.10 -10.41
N PRO A 135 36.32 -1.90 -9.34
CA PRO A 135 35.31 -1.52 -8.32
C PRO A 135 35.58 -0.21 -7.59
N GLY A 136 34.53 0.57 -7.42
CA GLY A 136 34.64 1.83 -6.73
C GLY A 136 33.96 1.95 -5.37
N THR A 137 33.06 1.02 -5.05
CA THR A 137 32.28 1.13 -3.82
C THR A 137 33.08 1.36 -2.54
N VAL A 138 34.11 0.56 -2.29
CA VAL A 138 34.86 0.71 -1.02
C VAL A 138 35.54 2.08 -0.97
N ALA A 139 36.13 2.50 -2.08
CA ALA A 139 36.72 3.84 -2.17
C ALA A 139 35.69 4.94 -1.90
N GLY A 140 34.50 4.80 -2.48
CA GLY A 140 33.40 5.74 -2.28
C GLY A 140 32.95 5.83 -0.83
N MET A 141 32.75 4.68 -0.18
CA MET A 141 32.34 4.71 1.22
C MET A 141 33.35 5.42 2.10
N GLU A 142 34.63 5.13 1.91
CA GLU A 142 35.67 5.76 2.72
C GLU A 142 35.77 7.25 2.43
N ALA A 143 35.65 7.61 1.15
CA ALA A 143 35.75 9.03 0.75
C ALA A 143 34.68 9.90 1.40
N MET A 144 33.42 9.46 1.36
CA MET A 144 32.39 10.32 1.95
C MET A 144 32.51 10.35 3.48
N LEU A 145 32.90 9.23 4.10
CA LEU A 145 33.06 9.19 5.55
C LEU A 145 34.15 10.14 6.01
N LYS A 146 35.29 10.08 5.33
CA LYS A 146 36.42 10.92 5.72
C LYS A 146 36.15 12.42 5.54
N LYS A 147 35.45 12.78 4.47
CA LYS A 147 35.19 14.18 4.18
C LYS A 147 34.05 14.76 5.03
N TYR A 148 32.98 13.98 5.21
CA TYR A 148 31.74 14.52 5.80
C TYR A 148 31.15 13.76 6.99
N GLY A 149 31.71 12.60 7.32
CA GLY A 149 31.20 11.78 8.43
C GLY A 149 31.74 12.22 9.78
N THR A 150 31.32 11.53 10.83
CA THR A 150 31.76 11.86 12.20
C THR A 150 32.17 10.62 13.00
N LYS A 151 31.82 9.44 12.50
CA LYS A 151 32.14 8.18 13.18
C LYS A 151 33.26 7.46 12.43
N LYS A 152 33.91 6.52 13.11
CA LYS A 152 34.99 5.75 12.50
C LYS A 152 34.46 4.61 11.66
N LEU A 153 35.11 4.36 10.53
CA LEU A 153 34.77 3.23 9.65
C LEU A 153 34.73 1.93 10.42
N SER A 154 35.71 1.73 11.30
CA SER A 154 35.81 0.52 12.09
C SER A 154 34.51 0.20 12.81
N GLN A 155 33.82 1.22 13.31
CA GLN A 155 32.56 1.04 14.01
C GLN A 155 31.35 0.88 13.08
N LEU A 156 31.33 1.66 12.01
CA LEU A 156 30.22 1.61 11.04
C LEU A 156 30.18 0.31 10.23
N ILE A 157 31.32 -0.37 10.10
CA ILE A 157 31.39 -1.62 9.32
C ILE A 157 31.11 -2.86 10.17
N ASP A 158 31.15 -2.72 11.50
CA ASP A 158 30.95 -3.85 12.41
C ASP A 158 29.63 -4.63 12.19
N PRO A 159 28.49 -3.92 12.05
CA PRO A 159 27.21 -4.62 11.80
C PRO A 159 27.25 -5.50 10.54
N ALA A 160 27.89 -5.02 9.48
CA ALA A 160 28.02 -5.79 8.24
C ALA A 160 28.85 -7.06 8.47
N ILE A 161 29.97 -6.90 9.16
CA ILE A 161 30.85 -8.05 9.47
C ILE A 161 30.11 -9.09 10.28
N LYS A 162 29.32 -8.65 11.25
CA LYS A 162 28.55 -9.57 12.10
C LYS A 162 27.58 -10.38 11.22
N LEU A 163 26.94 -9.72 10.26
CA LEU A 163 26.01 -10.38 9.36
C LEU A 163 26.71 -11.37 8.43
N ALA A 164 27.94 -11.05 8.00
CA ALA A 164 28.68 -11.98 7.14
C ALA A 164 29.16 -13.18 7.94
N GLU A 165 29.68 -12.94 9.15
N GLU A 165 29.68 -12.93 9.14
CA GLU A 165 30.26 -14.00 9.97
CA GLU A 165 30.25 -13.99 9.98
C GLU A 165 29.20 -14.92 10.58
C GLU A 165 29.16 -14.92 10.51
N ASN A 166 28.10 -14.32 11.03
CA ASN A 166 27.04 -15.06 11.73
C ASN A 166 25.89 -15.53 10.86
N GLY A 167 25.68 -14.85 9.73
CA GLY A 167 24.63 -15.23 8.81
C GLY A 167 23.33 -14.47 8.96
N TYR A 168 22.50 -14.54 7.93
CA TYR A 168 21.14 -14.03 7.96
C TYR A 168 20.26 -14.94 7.12
N ALA A 169 18.95 -14.81 7.34
CA ALA A 169 17.93 -15.63 6.67
C ALA A 169 17.66 -15.19 5.23
N ILE A 170 17.81 -16.12 4.29
CA ILE A 170 17.40 -15.90 2.90
C ILE A 170 15.91 -15.56 2.82
N SER A 171 15.57 -14.43 2.18
CA SER A 171 14.16 -14.05 2.07
C SER A 171 13.47 -14.80 0.93
N GLN A 172 12.14 -14.69 0.88
CA GLN A 172 11.37 -15.31 -0.20
C GLN A 172 11.86 -14.80 -1.55
N ARG A 173 12.00 -13.49 -1.69
CA ARG A 173 12.43 -12.88 -2.97
C ARG A 173 13.86 -13.28 -3.30
N GLN A 174 14.73 -13.28 -2.28
CA GLN A 174 16.12 -13.69 -2.49
C GLN A 174 16.21 -15.12 -3.01
N ALA A 175 15.40 -16.02 -2.46
CA ALA A 175 15.39 -17.40 -2.94
C ALA A 175 15.05 -17.40 -4.43
N GLU A 176 14.10 -16.56 -4.83
CA GLU A 176 13.69 -16.46 -6.25
C GLU A 176 14.85 -15.94 -7.12
N THR A 177 15.51 -14.88 -6.67
CA THR A 177 16.54 -14.25 -7.53
C THR A 177 17.79 -15.15 -7.61
N LEU A 178 18.12 -15.82 -6.49
CA LEU A 178 19.19 -16.82 -6.51
C LEU A 178 18.89 -17.94 -7.50
N LYS A 179 17.66 -18.45 -7.46
CA LYS A 179 17.22 -19.51 -8.37
C LYS A 179 17.40 -19.07 -9.83
N GLU A 180 17.02 -17.83 -10.11
CA GLU A 180 17.13 -17.28 -11.46
C GLU A 180 18.58 -17.16 -11.94
N ALA A 181 19.50 -16.91 -11.01
CA ALA A 181 20.92 -16.74 -11.34
C ALA A 181 21.69 -18.05 -11.39
N ARG A 182 21.01 -19.17 -11.10
CA ARG A 182 21.71 -20.45 -10.91
C ARG A 182 22.67 -20.81 -12.05
N GLU A 183 22.16 -20.80 -13.29
CA GLU A 183 22.99 -21.25 -14.42
C GLU A 183 24.16 -20.31 -14.70
N ARG A 184 24.03 -19.05 -14.26
CA ARG A 184 25.15 -18.12 -14.35
C ARG A 184 26.23 -18.40 -13.30
N PHE A 185 25.81 -18.57 -12.04
CA PHE A 185 26.74 -18.93 -10.97
C PHE A 185 27.51 -20.20 -11.33
N LEU A 186 26.83 -21.15 -11.96
CA LEU A 186 27.41 -22.46 -12.20
C LEU A 186 28.67 -22.44 -13.09
N LYS A 187 28.87 -21.33 -13.79
CA LYS A 187 29.99 -21.20 -14.70
C LYS A 187 31.32 -20.93 -13.98
N TYR A 188 31.26 -20.50 -12.71
CA TYR A 188 32.42 -19.98 -11.98
C TYR A 188 32.61 -20.70 -10.67
N SER A 189 33.75 -21.39 -10.55
CA SER A 189 34.07 -22.13 -9.32
C SER A 189 33.95 -21.25 -8.07
N SER A 190 34.36 -19.99 -8.16
CA SER A 190 34.28 -19.07 -7.01
C SER A 190 32.84 -18.88 -6.56
N SER A 191 31.95 -18.59 -7.51
CA SER A 191 30.54 -18.35 -7.16
C SER A 191 29.81 -19.62 -6.71
N LYS A 192 30.22 -20.77 -7.24
CA LYS A 192 29.62 -22.05 -6.81
C LYS A 192 29.94 -22.28 -5.33
N LYS A 193 31.14 -21.87 -4.92
CA LYS A 193 31.55 -21.96 -3.54
C LYS A 193 30.75 -21.04 -2.62
N TYR A 194 30.48 -19.83 -3.09
CA TYR A 194 29.90 -18.82 -2.20
C TYR A 194 28.39 -18.78 -2.16
N PHE A 195 27.73 -19.06 -3.30
CA PHE A 195 26.29 -18.82 -3.42
C PHE A 195 25.41 -20.07 -3.51
N PHE A 196 26.05 -21.24 -3.35
CA PHE A 196 25.32 -22.50 -3.21
C PHE A 196 25.64 -23.23 -1.91
N LYS A 197 24.73 -24.11 -1.50
CA LYS A 197 25.02 -25.07 -0.43
C LYS A 197 25.81 -26.25 -0.98
N LYS A 198 26.35 -27.08 -0.09
CA LYS A 198 27.18 -28.21 -0.49
C LYS A 198 26.53 -29.00 -1.65
N GLY A 199 27.33 -29.29 -2.68
CA GLY A 199 26.84 -30.00 -3.87
C GLY A 199 26.21 -29.07 -4.91
N HIS A 200 26.42 -27.77 -4.73
CA HIS A 200 25.90 -26.74 -5.64
C HIS A 200 24.36 -26.62 -5.62
N LEU A 201 23.77 -26.80 -4.44
CA LEU A 201 22.32 -26.71 -4.25
C LEU A 201 21.89 -25.26 -3.97
N ASP A 202 20.74 -24.89 -4.51
CA ASP A 202 20.18 -23.55 -4.33
C ASP A 202 19.86 -23.32 -2.86
N TYR A 203 20.19 -22.15 -2.34
CA TYR A 203 19.64 -21.71 -1.06
C TYR A 203 18.14 -21.55 -1.17
N GLN A 204 17.44 -21.90 -0.10
CA GLN A 204 15.99 -21.82 -0.03
C GLN A 204 15.56 -20.76 0.96
N GLU A 205 14.31 -20.31 0.83
CA GLU A 205 13.74 -19.35 1.76
C GLU A 205 13.92 -19.84 3.19
N GLY A 206 14.46 -18.95 4.02
CA GLY A 206 14.65 -19.23 5.44
C GLY A 206 16.00 -19.81 5.80
N ASP A 207 16.78 -20.27 4.81
CA ASP A 207 18.11 -20.85 5.10
C ASP A 207 19.02 -19.78 5.68
N LEU A 208 19.96 -20.20 6.53
CA LEU A 208 20.92 -19.25 7.07
C LEU A 208 22.12 -19.14 6.14
N PHE A 209 22.36 -17.93 5.63
CA PHE A 209 23.43 -17.70 4.66
C PHE A 209 24.63 -17.04 5.35
N VAL A 210 25.74 -17.77 5.40
CA VAL A 210 26.97 -17.34 6.08
C VAL A 210 28.03 -17.09 5.02
N GLN A 211 28.79 -16.00 5.19
CA GLN A 211 29.76 -15.57 4.20
C GLN A 211 31.12 -15.26 4.82
N LYS A 212 31.86 -16.33 5.16
CA LYS A 212 33.11 -16.22 5.90
C LYS A 212 34.22 -15.47 5.15
N ASP A 213 34.38 -15.74 3.84
CA ASP A 213 35.41 -15.05 3.09
C ASP A 213 35.08 -13.55 2.93
N LEU A 214 33.81 -13.24 2.74
CA LEU A 214 33.37 -11.84 2.68
C LEU A 214 33.70 -11.16 3.99
N ALA A 215 33.49 -11.86 5.10
CA ALA A 215 33.83 -11.30 6.40
C ALA A 215 35.33 -11.03 6.52
N LYS A 216 36.16 -11.94 5.97
CA LYS A 216 37.61 -11.70 5.94
C LYS A 216 37.93 -10.39 5.20
N THR A 217 37.30 -10.19 4.05
CA THR A 217 37.51 -8.98 3.25
C THR A 217 37.05 -7.73 4.00
N LEU A 218 35.87 -7.81 4.60
CA LEU A 218 35.35 -6.68 5.36
C LEU A 218 36.25 -6.36 6.54
N ASN A 219 36.81 -7.40 7.17
CA ASN A 219 37.74 -7.19 8.29
C ASN A 219 39.04 -6.50 7.88
N GLN A 220 39.52 -6.78 6.67
CA GLN A 220 40.68 -6.05 6.13
C GLN A 220 40.36 -4.58 5.95
N ILE A 221 39.16 -4.27 5.49
CA ILE A 221 38.72 -2.88 5.34
C ILE A 221 38.55 -2.22 6.69
N LYS A 222 38.01 -2.96 7.66
CA LYS A 222 37.87 -2.43 9.05
C LYS A 222 39.23 -1.97 9.60
N THR A 223 40.24 -2.79 9.41
CA THR A 223 41.55 -2.56 10.02
C THR A 223 42.39 -1.56 9.24
N LEU A 224 42.27 -1.60 7.92
CA LEU A 224 43.21 -0.88 7.04
C LEU A 224 42.57 0.21 6.20
N GLY A 225 41.24 0.32 6.28
CA GLY A 225 40.50 1.24 5.42
C GLY A 225 40.43 0.71 4.00
N ALA A 226 40.30 1.63 3.04
CA ALA A 226 40.13 1.23 1.64
C ALA A 226 41.35 0.46 1.13
N LYS A 227 42.53 0.75 1.70
CA LYS A 227 43.74 0.01 1.35
C LYS A 227 43.60 -1.49 1.60
N GLY A 228 42.65 -1.87 2.46
CA GLY A 228 42.41 -3.28 2.79
C GLY A 228 41.72 -3.98 1.63
N PHE A 229 41.18 -3.21 0.69
CA PHE A 229 40.57 -3.75 -0.53
C PHE A 229 41.47 -3.55 -1.77
N TYR A 230 42.02 -2.34 -1.91
CA TYR A 230 42.74 -1.94 -3.13
C TYR A 230 44.23 -2.30 -3.13
N GLN A 231 44.73 -2.78 -1.98
CA GLN A 231 46.13 -3.17 -1.83
C GLN A 231 46.20 -4.46 -1.01
N GLY A 232 47.43 -4.96 -0.79
CA GLY A 232 47.62 -6.11 0.09
C GLY A 232 47.00 -7.42 -0.39
N GLN A 233 46.55 -8.24 0.57
N GLN A 233 46.57 -8.27 0.55
CA GLN A 233 46.08 -9.59 0.31
CA GLN A 233 46.10 -9.62 0.22
C GLN A 233 44.86 -9.64 -0.63
C GLN A 233 44.86 -9.63 -0.68
N VAL A 234 43.92 -8.71 -0.43
CA VAL A 234 42.70 -8.69 -1.23
C VAL A 234 43.03 -8.31 -2.68
N ALA A 235 43.93 -7.35 -2.87
CA ALA A 235 44.33 -6.95 -4.23
C ALA A 235 45.01 -8.13 -4.94
N GLU A 236 45.82 -8.87 -4.19
CA GLU A 236 46.49 -10.06 -4.71
C GLU A 236 45.45 -11.11 -5.15
N LEU A 237 44.44 -11.32 -4.32
CA LEU A 237 43.39 -12.28 -4.68
C LEU A 237 42.66 -11.86 -5.96
N ILE A 238 42.35 -10.57 -6.05
CA ILE A 238 41.68 -10.04 -7.23
C ILE A 238 42.55 -10.22 -8.48
N GLU A 239 43.81 -9.77 -8.40
CA GLU A 239 44.70 -9.85 -9.57
C GLU A 239 44.87 -11.29 -10.06
N LYS A 240 45.12 -12.20 -9.13
CA LYS A 240 45.42 -13.57 -9.51
C LYS A 240 44.20 -14.32 -10.00
N ASP A 241 43.04 -14.07 -9.41
CA ASP A 241 41.82 -14.72 -9.89
C ASP A 241 41.42 -14.17 -11.27
N MET A 242 41.65 -12.87 -11.49
CA MET A 242 41.44 -12.29 -12.82
C MET A 242 42.31 -12.99 -13.88
N LYS A 243 43.59 -13.13 -13.59
CA LYS A 243 44.54 -13.72 -14.54
C LYS A 243 44.13 -15.13 -14.92
N LYS A 244 43.76 -15.92 -13.91
CA LYS A 244 43.37 -17.32 -14.07
C LYS A 244 42.13 -17.47 -14.97
N ASN A 245 41.26 -16.46 -14.95
CA ASN A 245 39.93 -16.56 -15.51
C ASN A 245 39.63 -15.63 -16.69
N GLY A 246 40.68 -15.12 -17.33
CA GLY A 246 40.51 -14.37 -18.57
C GLY A 246 40.08 -12.94 -18.35
N GLY A 247 40.16 -12.47 -17.10
CA GLY A 247 39.93 -11.07 -16.78
C GLY A 247 41.20 -10.24 -16.88
N ILE A 248 41.06 -8.92 -16.73
CA ILE A 248 42.19 -8.02 -16.98
C ILE A 248 42.51 -7.03 -15.86
N ILE A 249 41.74 -7.03 -14.78
CA ILE A 249 42.02 -6.13 -13.64
C ILE A 249 43.28 -6.57 -12.89
N THR A 250 44.19 -5.61 -12.66
CA THR A 250 45.48 -5.86 -12.02
C THR A 250 45.62 -5.04 -10.74
N LYS A 251 46.66 -5.32 -9.96
CA LYS A 251 46.99 -4.50 -8.81
C LYS A 251 47.18 -3.04 -9.18
N GLU A 252 47.71 -2.78 -10.38
CA GLU A 252 47.91 -1.41 -10.83
C GLU A 252 46.57 -0.71 -11.01
N ASP A 253 45.59 -1.42 -11.56
CA ASP A 253 44.22 -0.88 -11.67
C ASP A 253 43.68 -0.50 -10.29
N LEU A 254 43.82 -1.42 -9.34
CA LEU A 254 43.26 -1.22 -8.02
C LEU A 254 43.92 -0.07 -7.29
N ALA A 255 45.25 -0.01 -7.39
CA ALA A 255 45.99 1.04 -6.70
C ALA A 255 45.69 2.40 -7.30
N SER A 256 45.26 2.42 -8.57
CA SER A 256 45.00 3.70 -9.23
C SER A 256 43.53 4.11 -9.23
N TYR A 257 42.68 3.29 -8.62
CA TYR A 257 41.26 3.63 -8.56
C TYR A 257 41.09 4.93 -7.78
N ASN A 258 40.34 5.87 -8.37
CA ASN A 258 40.10 7.16 -7.75
C ASN A 258 38.61 7.54 -7.82
N VAL A 259 38.05 7.97 -6.70
CA VAL A 259 36.75 8.63 -6.72
C VAL A 259 36.94 10.04 -7.22
N LYS A 260 35.83 10.65 -7.61
CA LYS A 260 35.84 12.05 -7.97
C LYS A 260 34.70 12.79 -7.29
N TRP A 261 35.04 13.86 -6.60
CA TRP A 261 34.04 14.78 -6.10
C TRP A 261 33.67 15.71 -7.24
N ARG A 262 32.41 15.66 -7.67
CA ARG A 262 31.94 16.44 -8.82
C ARG A 262 30.79 17.36 -8.41
N LYS A 263 30.58 18.42 -9.17
CA LYS A 263 29.39 19.24 -8.97
C LYS A 263 28.16 18.46 -9.43
N PRO A 264 27.07 18.45 -8.63
CA PRO A 264 25.86 17.83 -9.16
C PRO A 264 25.29 18.67 -10.30
N VAL A 265 24.42 18.08 -11.10
CA VAL A 265 23.64 18.86 -12.06
C VAL A 265 22.45 19.41 -11.29
N VAL A 266 22.09 20.66 -11.56
CA VAL A 266 21.09 21.37 -10.76
C VAL A 266 20.06 21.96 -11.70
N GLY A 267 18.80 21.84 -11.33
CA GLY A 267 17.71 22.41 -12.10
C GLY A 267 16.63 22.94 -11.18
N SER A 268 15.54 23.37 -11.79
CA SER A 268 14.38 23.83 -11.02
C SER A 268 13.10 23.30 -11.64
N TYR A 269 12.09 23.08 -10.81
CA TYR A 269 10.79 22.65 -11.30
C TYR A 269 9.71 23.25 -10.40
N ARG A 270 8.97 24.20 -10.96
CA ARG A 270 7.85 24.83 -10.27
C ARG A 270 8.21 25.32 -8.86
N GLY A 271 9.39 25.93 -8.73
CA GLY A 271 9.80 26.55 -7.47
C GLY A 271 10.61 25.66 -6.56
N TYR A 272 10.86 24.43 -7.02
CA TYR A 272 11.70 23.49 -6.29
C TYR A 272 13.06 23.31 -6.97
N LYS A 273 14.10 23.14 -6.17
CA LYS A 273 15.44 22.94 -6.70
C LYS A 273 15.72 21.43 -6.78
N ILE A 274 16.15 21.02 -7.96
CA ILE A 274 16.47 19.61 -8.24
C ILE A 274 18.00 19.47 -8.28
N ILE A 275 18.52 18.59 -7.43
CA ILE A 275 19.95 18.29 -7.32
C ILE A 275 20.13 16.82 -7.68
N SER A 276 20.88 16.54 -8.74
CA SER A 276 21.01 15.14 -9.17
C SER A 276 22.39 14.83 -9.73
N MET A 277 22.60 13.59 -10.16
CA MET A 277 23.94 13.14 -10.54
C MET A 277 24.33 13.56 -11.96
N SER A 278 25.53 14.13 -12.05
CA SER A 278 26.12 14.60 -13.28
C SER A 278 26.91 13.47 -13.98
N PRO A 279 27.46 13.75 -15.19
CA PRO A 279 28.37 12.73 -15.78
C PRO A 279 29.42 12.25 -14.79
N PRO A 280 29.73 10.93 -14.79
CA PRO A 280 29.39 9.93 -15.80
C PRO A 280 28.00 9.27 -15.71
N SER A 281 27.08 9.82 -14.91
CA SER A 281 25.68 9.43 -15.10
C SER A 281 25.02 10.36 -16.09
N SER A 282 24.09 9.79 -16.86
CA SER A 282 23.17 10.60 -17.67
C SER A 282 21.90 10.95 -16.88
N GLY A 283 21.75 10.35 -15.71
CA GLY A 283 20.49 10.37 -14.98
C GLY A 283 19.99 11.76 -14.62
N GLY A 284 20.83 12.52 -13.93
CA GLY A 284 20.41 13.85 -13.50
C GLY A 284 20.12 14.79 -14.65
N THR A 285 20.94 14.73 -15.69
CA THR A 285 20.75 15.61 -16.83
C THR A 285 19.39 15.39 -17.51
N HIS A 286 19.08 14.13 -17.83
CA HIS A 286 17.81 13.88 -18.50
C HIS A 286 16.62 14.02 -17.58
N LEU A 287 16.80 13.74 -16.28
CA LEU A 287 15.72 13.99 -15.33
C LEU A 287 15.32 15.47 -15.38
N ILE A 288 16.31 16.34 -15.31
CA ILE A 288 16.07 17.78 -15.34
C ILE A 288 15.52 18.23 -16.69
N GLN A 289 16.06 17.67 -17.78
CA GLN A 289 15.58 17.97 -19.12
C GLN A 289 14.10 17.62 -19.31
N ILE A 290 13.73 16.40 -18.91
CA ILE A 290 12.36 15.95 -19.04
C ILE A 290 11.40 16.81 -18.19
N LEU A 291 11.78 17.09 -16.94
CA LEU A 291 10.95 17.95 -16.09
C LEU A 291 10.84 19.35 -16.69
N ASN A 292 11.93 19.83 -17.29
CA ASN A 292 11.91 21.16 -17.92
C ASN A 292 10.84 21.19 -19.01
N VAL A 293 10.75 20.13 -19.80
CA VAL A 293 9.74 20.08 -20.84
C VAL A 293 8.34 20.09 -20.25
N MET A 294 8.13 19.21 -19.26
CA MET A 294 6.85 19.08 -18.56
C MET A 294 6.41 20.38 -17.88
N GLU A 295 7.38 21.20 -17.46
CA GLU A 295 7.11 22.46 -16.76
C GLU A 295 6.26 23.43 -17.60
N ASN A 296 6.32 23.28 -18.92
CA ASN A 296 5.54 24.13 -19.83
C ASN A 296 4.04 23.84 -19.87
N ALA A 297 3.63 22.70 -19.31
CA ALA A 297 2.23 22.34 -19.15
C ALA A 297 1.80 22.50 -17.69
N ASP A 298 0.52 22.83 -17.48
CA ASP A 298 -0.05 22.78 -16.13
C ASP A 298 -0.60 21.37 -15.94
N LEU A 299 0.27 20.46 -15.52
CA LEU A 299 -0.13 19.07 -15.32
C LEU A 299 -1.18 18.92 -14.22
N SER A 300 -1.08 19.75 -13.18
CA SER A 300 -2.02 19.69 -12.07
C SER A 300 -3.48 19.82 -12.52
N ALA A 301 -3.71 20.55 -13.62
CA ALA A 301 -5.07 20.80 -14.11
C ALA A 301 -5.84 19.50 -14.34
N LEU A 302 -5.21 18.56 -15.05
CA LEU A 302 -5.86 17.30 -15.39
C LEU A 302 -5.60 16.18 -14.40
N GLY A 303 -4.52 16.30 -13.63
CA GLY A 303 -4.24 15.34 -12.56
C GLY A 303 -3.55 14.05 -12.98
N TYR A 304 -3.26 13.22 -11.98
CA TYR A 304 -2.48 12.01 -12.17
C TYR A 304 -3.14 11.10 -13.20
N GLY A 305 -2.34 10.54 -14.11
CA GLY A 305 -2.80 9.47 -15.01
C GLY A 305 -3.65 9.89 -16.21
N ALA A 306 -3.76 11.19 -16.45
CA ALA A 306 -4.48 11.70 -17.62
C ALA A 306 -3.67 11.45 -18.89
N SER A 307 -4.29 10.94 -19.94
CA SER A 307 -3.53 10.67 -21.16
C SER A 307 -2.80 11.92 -21.71
N LYS A 308 -3.40 13.09 -21.56
CA LYS A 308 -2.78 14.31 -22.08
C LYS A 308 -1.48 14.61 -21.33
N ASN A 309 -1.47 14.32 -20.03
CA ASN A 309 -0.27 14.51 -19.21
C ASN A 309 0.78 13.45 -19.50
N ILE A 310 0.34 12.21 -19.66
CA ILE A 310 1.24 11.10 -19.97
C ILE A 310 1.91 11.39 -21.31
N HIS A 311 1.13 11.89 -22.27
CA HIS A 311 1.65 12.24 -23.59
C HIS A 311 2.79 13.27 -23.55
N ILE A 312 2.61 14.36 -22.80
CA ILE A 312 3.66 15.39 -22.69
C ILE A 312 4.94 14.78 -22.09
N ALA A 313 4.79 14.03 -21.01
CA ALA A 313 5.93 13.37 -20.37
C ALA A 313 6.63 12.41 -21.32
N ALA A 314 5.84 11.56 -21.99
CA ALA A 314 6.39 10.53 -22.89
C ALA A 314 7.11 11.13 -24.08
N GLU A 315 6.58 12.20 -24.64
CA GLU A 315 7.29 12.87 -25.74
C GLU A 315 8.60 13.53 -25.29
N ALA A 316 8.59 14.07 -24.07
CA ALA A 316 9.82 14.60 -23.46
C ALA A 316 10.84 13.48 -23.26
N MET A 317 10.37 12.35 -22.75
CA MET A 317 11.23 11.18 -22.57
C MET A 317 11.87 10.74 -23.90
N ARG A 318 11.03 10.67 -24.94
CA ARG A 318 11.48 10.22 -26.24
C ARG A 318 12.67 11.04 -26.74
N GLN A 319 12.53 12.37 -26.69
CA GLN A 319 13.63 13.25 -27.11
C GLN A 319 14.86 13.06 -26.21
N ALA A 320 14.64 12.98 -24.90
CA ALA A 320 15.75 12.85 -23.94
C ALA A 320 16.61 11.61 -24.19
N TYR A 321 15.95 10.48 -24.47
CA TYR A 321 16.68 9.23 -24.70
C TYR A 321 17.38 9.20 -26.05
N ALA A 322 16.79 9.85 -27.07
CA ALA A 322 17.48 10.05 -28.35
C ALA A 322 18.74 10.88 -28.09
N ASP A 323 18.59 11.96 -27.32
CA ASP A 323 19.75 12.80 -26.98
C ASP A 323 20.83 12.00 -26.24
N ARG A 324 20.40 11.16 -25.29
CA ARG A 324 21.33 10.33 -24.51
C ARG A 324 22.23 9.49 -25.39
N SER A 325 21.67 8.93 -26.46
CA SER A 325 22.38 7.98 -27.31
C SER A 325 23.55 8.60 -28.09
N VAL A 326 23.54 9.93 -28.24
CA VAL A 326 24.57 10.64 -29.00
C VAL A 326 25.50 11.49 -28.10
N TYR A 327 24.95 12.14 -27.09
CA TYR A 327 25.71 13.17 -26.38
C TYR A 327 26.34 12.72 -25.07
N MET A 328 25.94 11.56 -24.58
CA MET A 328 26.28 11.19 -23.19
C MET A 328 27.41 10.18 -23.02
N GLY A 329 28.34 10.49 -22.12
CA GLY A 329 29.44 9.61 -21.75
C GLY A 329 30.18 10.23 -20.58
N ASP A 330 31.31 9.64 -20.23
CA ASP A 330 32.20 10.20 -19.21
C ASP A 330 32.79 11.51 -19.73
N ALA A 331 32.40 12.64 -19.11
CA ALA A 331 32.86 13.97 -19.52
C ALA A 331 34.35 14.21 -19.34
N ASP A 332 35.02 13.31 -18.62
CA ASP A 332 36.49 13.44 -18.50
C ASP A 332 37.16 13.06 -19.82
N PHE A 333 36.42 12.40 -20.70
CA PHE A 333 36.93 11.84 -21.95
C PHE A 333 36.27 12.40 -23.19
N VAL A 334 34.99 12.76 -23.07
CA VAL A 334 34.23 13.31 -24.20
C VAL A 334 33.52 14.60 -23.81
N SER A 335 33.17 15.38 -24.82
CA SER A 335 32.42 16.62 -24.58
C SER A 335 30.96 16.30 -24.41
N VAL A 336 30.43 16.58 -23.22
CA VAL A 336 29.01 16.34 -22.93
C VAL A 336 28.32 17.69 -22.72
N PRO A 337 27.33 18.03 -23.55
CA PRO A 337 26.69 19.35 -23.49
C PRO A 337 25.62 19.44 -22.38
N VAL A 338 26.03 19.20 -21.13
CA VAL A 338 25.07 19.20 -20.00
C VAL A 338 24.29 20.51 -19.93
N ASP A 339 24.99 21.64 -20.05
CA ASP A 339 24.34 22.94 -19.87
C ASP A 339 23.30 23.17 -20.96
N LYS A 340 23.60 22.70 -22.17
CA LYS A 340 22.65 22.83 -23.26
C LYS A 340 21.44 21.93 -23.04
N LEU A 341 21.68 20.73 -22.54
CA LEU A 341 20.60 19.75 -22.38
C LEU A 341 19.61 20.16 -21.29
N ILE A 342 20.09 20.89 -20.29
CA ILE A 342 19.24 21.32 -19.16
C ILE A 342 18.76 22.76 -19.31
N ASN A 343 19.11 23.39 -20.43
CA ASN A 343 18.65 24.75 -20.70
C ASN A 343 17.13 24.77 -20.91
N LYS A 344 16.44 25.65 -20.19
CA LYS A 344 14.96 25.68 -20.29
C LYS A 344 14.49 26.09 -21.69
N ALA A 345 15.31 26.85 -22.41
CA ALA A 345 14.98 27.29 -23.76
C ALA A 345 14.94 26.09 -24.72
N TYR A 346 15.88 25.18 -24.57
CA TYR A 346 15.89 23.91 -25.32
C TYR A 346 14.63 23.09 -25.02
N ALA A 347 14.29 23.00 -23.72
CA ALA A 347 13.08 22.29 -23.29
C ALA A 347 11.81 22.90 -23.87
N LYS A 348 11.75 24.23 -23.95
CA LYS A 348 10.61 24.91 -24.56
C LYS A 348 10.51 24.53 -26.05
N LYS A 349 11.65 24.44 -26.72
CA LYS A 349 11.66 24.03 -28.14
C LYS A 349 11.09 22.62 -28.31
N ILE A 350 11.49 21.69 -27.43
CA ILE A 350 10.95 20.34 -27.43
C ILE A 350 9.44 20.41 -27.20
N PHE A 351 9.04 21.15 -26.16
CA PHE A 351 7.62 21.26 -25.83
C PHE A 351 6.78 21.73 -27.01
N ASP A 352 7.30 22.70 -27.75
CA ASP A 352 6.54 23.33 -28.83
C ASP A 352 6.29 22.38 -30.01
N THR A 353 7.10 21.32 -30.10
CA THR A 353 6.93 20.27 -31.14
C THR A 353 5.87 19.22 -30.77
N ILE A 354 5.41 19.23 -29.53
CA ILE A 354 4.45 18.24 -29.07
C ILE A 354 3.02 18.56 -29.55
N GLN A 355 2.47 17.64 -30.34
CA GLN A 355 1.12 17.76 -30.91
C GLN A 355 0.06 17.28 -29.96
N PRO A 356 -1.08 18.01 -29.88
CA PRO A 356 -2.13 17.71 -28.91
C PRO A 356 -2.47 16.23 -28.76
N ASP A 357 -2.63 15.54 -29.89
CA ASP A 357 -3.09 14.15 -29.87
C ASP A 357 -2.42 13.25 -30.90
N THR A 358 -1.15 13.52 -31.17
CA THR A 358 -0.36 12.59 -31.98
C THR A 358 1.10 12.60 -31.54
N VAL A 359 1.78 11.51 -31.80
CA VAL A 359 3.18 11.36 -31.36
C VAL A 359 4.16 11.77 -32.45
N THR A 360 5.42 12.00 -32.07
CA THR A 360 6.51 12.05 -33.04
C THR A 360 7.13 10.66 -33.01
N PRO A 361 7.00 9.89 -34.11
CA PRO A 361 7.61 8.56 -34.10
C PRO A 361 9.11 8.63 -33.80
N SER A 362 9.64 7.62 -33.13
CA SER A 362 11.06 7.62 -32.76
C SER A 362 11.97 7.72 -33.98
N SER A 363 11.55 7.11 -35.08
CA SER A 363 12.32 7.15 -36.33
C SER A 363 12.51 8.58 -36.85
N GLN A 364 11.67 9.50 -36.40
CA GLN A 364 11.67 10.89 -36.90
C GLN A 364 12.32 11.86 -35.92
N ILE A 365 12.72 11.35 -34.75
CA ILE A 365 13.43 12.16 -33.75
C ILE A 365 14.85 12.40 -34.22
N LYS A 366 15.29 13.64 -34.06
CA LYS A 366 16.68 14.04 -34.33
C LYS A 366 17.34 14.36 -32.98
N PRO A 367 18.39 13.61 -32.59
CA PRO A 367 19.10 13.98 -31.37
C PRO A 367 19.52 15.45 -31.40
N GLY A 368 19.25 16.19 -30.33
CA GLY A 368 19.59 17.61 -30.26
C GLY A 368 18.67 18.52 -31.06
N MET A 369 17.78 17.92 -31.84
CA MET A 369 16.86 18.63 -32.75
C MET A 369 17.55 19.60 -33.71
N GLY A 370 18.88 19.69 -33.62
CA GLY A 370 19.65 20.81 -34.18
C GLY A 370 19.97 21.75 -33.03
N GLN A 371 21.08 21.49 -32.32
CA GLN A 371 21.32 22.03 -30.97
C GLN A 371 22.52 22.96 -30.85
N THR B 1 20.93 -3.52 -8.85
CA THR B 1 21.01 -2.11 -8.39
C THR B 1 20.08 -1.88 -7.20
N THR B 2 20.50 -0.96 -6.34
CA THR B 2 19.70 -0.61 -5.17
C THR B 2 19.96 0.85 -4.80
N HIS B 3 18.92 1.50 -4.30
CA HIS B 3 18.98 2.89 -3.89
C HIS B 3 18.67 3.03 -2.40
N TYR B 4 19.44 3.87 -1.71
CA TYR B 4 19.05 4.20 -0.34
C TYR B 4 19.13 5.70 -0.05
N SER B 5 18.31 6.15 0.89
CA SER B 5 18.14 7.58 1.17
C SER B 5 18.26 7.80 2.67
N VAL B 6 18.97 8.84 3.07
CA VAL B 6 19.16 9.15 4.49
C VAL B 6 19.01 10.65 4.71
N ALA B 7 18.34 11.04 5.80
CA ALA B 7 18.23 12.46 6.19
C ALA B 7 18.34 12.51 7.69
N ASP B 8 19.13 13.45 8.20
CA ASP B 8 19.32 13.59 9.64
C ASP B 8 18.74 14.87 10.22
N ARG B 9 18.82 15.00 11.55
CA ARG B 9 18.19 16.13 12.25
C ARG B 9 18.91 17.46 12.04
N TRP B 10 20.13 17.39 11.51
CA TRP B 10 20.95 18.59 11.31
C TRP B 10 20.79 19.22 9.92
N GLY B 11 20.05 18.53 9.07
CA GLY B 11 19.78 19.02 7.72
C GLY B 11 20.68 18.45 6.62
N ASN B 12 21.44 17.40 6.95
CA ASN B 12 22.17 16.64 5.92
C ASN B 12 21.23 15.66 5.26
N ALA B 13 21.40 15.46 3.95
CA ALA B 13 20.69 14.42 3.24
C ALA B 13 21.66 13.75 2.28
N VAL B 14 21.57 12.43 2.18
CA VAL B 14 22.45 11.62 1.34
C VAL B 14 21.59 10.65 0.53
N SER B 15 21.76 10.70 -0.78
CA SER B 15 21.00 9.84 -1.70
C SER B 15 22.02 9.01 -2.46
N VAL B 16 21.99 7.68 -2.25
CA VAL B 16 23.01 6.80 -2.82
C VAL B 16 22.37 5.73 -3.70
N THR B 17 22.77 5.68 -4.97
CA THR B 17 22.42 4.53 -5.82
C THR B 17 23.72 3.79 -6.14
N TYR B 18 23.74 2.47 -5.92
CA TYR B 18 24.95 1.73 -6.27
C TYR B 18 24.58 0.33 -6.71
N THR B 19 25.54 -0.38 -7.31
CA THR B 19 25.18 -1.51 -8.15
C THR B 19 26.36 -2.34 -8.58
N ILE B 20 26.08 -3.59 -8.96
CA ILE B 20 27.00 -4.43 -9.72
C ILE B 20 26.46 -4.66 -11.13
N ASN B 21 25.48 -3.84 -11.49
CA ASN B 21 24.76 -3.85 -12.77
C ASN B 21 23.64 -4.88 -12.78
N ALA B 22 23.81 -5.99 -13.51
CA ALA B 22 22.80 -7.06 -13.51
C ALA B 22 22.58 -7.62 -12.09
N SER B 23 21.50 -8.39 -11.96
CA SER B 23 21.27 -9.15 -10.73
C SER B 23 22.45 -10.10 -10.52
N TYR B 24 23.17 -9.90 -9.41
CA TYR B 24 24.42 -10.65 -9.08
C TYR B 24 25.58 -10.31 -10.03
N GLY B 25 25.48 -9.15 -10.68
CA GLY B 25 26.58 -8.65 -11.51
C GLY B 25 26.95 -9.63 -12.62
N SER B 26 28.26 -9.83 -12.79
CA SER B 26 28.83 -10.76 -13.78
C SER B 26 28.62 -12.21 -13.41
N ALA B 27 28.09 -12.44 -12.21
CA ALA B 27 27.89 -13.78 -11.63
C ALA B 27 29.17 -14.47 -11.23
N ALA B 28 30.31 -13.80 -11.44
CA ALA B 28 31.62 -14.35 -11.06
C ALA B 28 32.11 -13.64 -9.81
N SER B 29 32.65 -14.42 -8.86
CA SER B 29 33.15 -13.88 -7.57
C SER B 29 34.67 -13.93 -7.52
N ILE B 30 35.27 -13.14 -6.63
CA ILE B 30 36.72 -13.22 -6.44
C ILE B 30 37.04 -14.31 -5.43
N ASP B 31 37.72 -15.35 -5.91
CA ASP B 31 38.04 -16.49 -5.05
C ASP B 31 38.91 -16.04 -3.89
N GLY B 32 38.48 -16.39 -2.68
CA GLY B 32 39.21 -16.02 -1.46
C GLY B 32 38.69 -14.77 -0.79
N ALA B 33 37.90 -13.98 -1.53
CA ALA B 33 37.44 -12.68 -1.04
C ALA B 33 35.93 -12.58 -0.83
N GLY B 34 35.17 -13.51 -1.43
CA GLY B 34 33.75 -13.65 -1.10
C GLY B 34 32.80 -12.63 -1.71
N PHE B 35 33.26 -11.84 -2.67
CA PHE B 35 32.35 -10.86 -3.28
C PHE B 35 32.16 -11.04 -4.79
N LEU B 36 30.96 -10.69 -5.27
CA LEU B 36 30.64 -10.72 -6.70
C LEU B 36 31.24 -9.54 -7.44
N LEU B 37 31.76 -9.81 -8.64
CA LEU B 37 32.21 -8.76 -9.55
C LEU B 37 31.05 -8.17 -10.34
N ASN B 38 31.13 -6.85 -10.57
CA ASN B 38 30.18 -6.19 -11.42
C ASN B 38 30.28 -6.66 -12.88
N ASN B 39 29.20 -6.47 -13.64
CA ASN B 39 29.31 -6.50 -15.10
C ASN B 39 29.04 -5.10 -15.68
N GLU B 40 29.68 -4.09 -15.09
CA GLU B 40 29.41 -2.71 -15.47
C GLU B 40 29.94 -2.36 -16.86
N MET B 41 30.79 -3.23 -17.44
CA MET B 41 31.34 -2.93 -18.75
C MET B 41 30.24 -2.94 -19.81
N ASP B 42 29.15 -3.66 -19.54
CA ASP B 42 28.01 -3.68 -20.47
C ASP B 42 27.30 -2.33 -20.58
N ASP B 43 27.60 -1.42 -19.65
CA ASP B 43 27.02 -0.07 -19.70
C ASP B 43 27.73 0.83 -20.71
N PHE B 44 28.90 0.42 -21.19
CA PHE B 44 29.51 1.05 -22.36
C PHE B 44 28.71 0.67 -23.61
N SER B 45 28.90 1.43 -24.68
CA SER B 45 28.54 0.95 -26.01
C SER B 45 29.70 0.07 -26.50
N ILE B 46 29.45 -1.22 -26.67
CA ILE B 46 30.51 -2.15 -27.08
C ILE B 46 30.70 -2.22 -28.60
N LYS B 47 29.74 -1.66 -29.33
CA LYS B 47 29.71 -1.58 -30.78
C LYS B 47 28.62 -0.55 -31.12
N PRO B 48 28.90 0.40 -32.03
CA PRO B 48 27.88 1.40 -32.34
C PRO B 48 26.52 0.80 -32.72
N GLY B 49 25.47 1.26 -32.06
CA GLY B 49 24.11 0.85 -32.38
C GLY B 49 23.69 -0.47 -31.75
N ASN B 50 24.61 -1.14 -31.07
CA ASN B 50 24.30 -2.40 -30.38
C ASN B 50 23.52 -2.13 -29.10
N PRO B 51 22.32 -2.72 -28.95
CA PRO B 51 21.57 -2.49 -27.69
C PRO B 51 22.13 -3.29 -26.51
N ASN B 52 22.30 -2.65 -25.36
CA ASN B 52 22.80 -3.36 -24.19
C ASN B 52 21.68 -4.05 -23.42
N LEU B 53 21.97 -4.44 -22.17
CA LEU B 53 21.00 -5.18 -21.35
C LEU B 53 19.65 -4.46 -21.17
N TYR B 54 19.65 -3.13 -21.31
CA TYR B 54 18.45 -2.31 -21.11
C TYR B 54 17.94 -1.69 -22.39
N GLY B 55 18.48 -2.16 -23.52
CA GLY B 55 18.08 -1.67 -24.83
C GLY B 55 18.64 -0.30 -25.18
N LEU B 56 19.65 0.11 -24.43
CA LEU B 56 20.29 1.41 -24.67
C LEU B 56 21.37 1.27 -25.73
N VAL B 57 21.51 2.32 -26.55
CA VAL B 57 22.48 2.31 -27.63
C VAL B 57 23.41 3.51 -27.54
N GLY B 58 24.50 3.46 -28.30
CA GLY B 58 25.49 4.53 -28.25
C GLY B 58 26.41 4.53 -29.45
N GLY B 59 27.39 5.44 -29.40
CA GLY B 59 28.40 5.62 -30.44
C GLY B 59 29.73 6.01 -29.82
N ASP B 60 30.26 7.15 -30.25
CA ASP B 60 31.56 7.61 -29.75
C ASP B 60 31.53 7.99 -28.28
N ALA B 61 30.50 8.72 -27.86
CA ALA B 61 30.54 9.35 -26.52
C ALA B 61 30.71 8.31 -25.42
N ASN B 62 30.04 7.17 -25.59
CA ASN B 62 30.07 6.09 -24.61
C ASN B 62 30.82 4.83 -25.06
N ALA B 63 31.76 5.01 -25.98
CA ALA B 63 32.69 3.94 -26.35
C ALA B 63 33.70 3.62 -25.23
N ILE B 64 34.23 2.40 -25.23
CA ILE B 64 35.21 1.96 -24.24
C ILE B 64 36.57 2.59 -24.52
N GLU B 65 37.20 3.07 -23.44
CA GLU B 65 38.59 3.49 -23.42
C GLU B 65 39.17 3.16 -22.05
N ALA B 66 40.46 2.84 -22.01
CA ALA B 66 41.12 2.58 -20.72
C ALA B 66 40.85 3.71 -19.71
N ASN B 67 40.48 3.31 -18.49
CA ASN B 67 40.20 4.22 -17.35
C ASN B 67 38.89 5.00 -17.43
N LYS B 68 38.16 4.87 -18.54
CA LYS B 68 36.92 5.64 -18.72
C LYS B 68 35.82 5.00 -17.88
N ARG B 69 34.89 5.83 -17.40
CA ARG B 69 33.76 5.34 -16.59
C ARG B 69 32.56 5.13 -17.50
N PRO B 70 31.94 3.93 -17.48
CA PRO B 70 30.81 3.66 -18.37
C PRO B 70 29.60 4.50 -18.00
N LEU B 71 28.89 4.98 -19.01
CA LEU B 71 27.71 5.81 -18.77
C LEU B 71 26.68 5.06 -17.91
N SER B 72 26.12 5.78 -16.93
CA SER B 72 25.06 5.25 -16.09
C SER B 72 23.75 5.99 -16.33
N SER B 73 22.67 5.38 -15.85
CA SER B 73 21.37 6.03 -15.77
C SER B 73 20.99 6.35 -14.31
N MET B 74 21.87 6.02 -13.35
CA MET B 74 21.53 6.19 -11.94
C MET B 74 21.24 7.66 -11.62
N SER B 75 20.17 7.87 -10.86
CA SER B 75 19.67 9.24 -10.62
C SER B 75 19.36 9.49 -9.14
N PRO B 76 20.36 9.30 -8.25
CA PRO B 76 20.14 9.72 -6.86
C PRO B 76 19.91 11.23 -6.85
N THR B 77 18.86 11.66 -6.18
CA THR B 77 18.36 13.02 -6.30
C THR B 77 17.95 13.56 -4.95
N ILE B 78 18.17 14.86 -4.76
CA ILE B 78 17.62 15.59 -3.62
C ILE B 78 16.85 16.77 -4.18
N VAL B 79 15.62 16.97 -3.69
CA VAL B 79 14.82 18.14 -4.05
C VAL B 79 14.75 19.05 -2.84
N LEU B 80 15.03 20.33 -3.07
CA LEU B 80 14.99 21.35 -2.02
C LEU B 80 13.81 22.30 -2.21
N LYS B 81 13.30 22.83 -1.10
CA LYS B 81 12.26 23.86 -1.08
C LYS B 81 12.78 24.97 -0.19
N ASN B 82 12.99 26.15 -0.76
CA ASN B 82 13.54 27.29 -0.01
C ASN B 82 14.85 26.87 0.67
N ASN B 83 15.68 26.15 -0.09
CA ASN B 83 16.99 25.65 0.34
C ASN B 83 16.99 24.68 1.53
N LYS B 84 15.82 24.14 1.85
CA LYS B 84 15.73 23.10 2.86
C LYS B 84 15.39 21.75 2.20
N VAL B 85 15.83 20.65 2.80
CA VAL B 85 15.53 19.32 2.23
C VAL B 85 14.02 19.11 2.15
N PHE B 86 13.58 18.67 0.97
CA PHE B 86 12.18 18.36 0.71
C PHE B 86 11.98 16.88 0.34
N LEU B 87 12.70 16.40 -0.68
CA LEU B 87 12.70 14.99 -1.04
C LEU B 87 14.12 14.43 -1.16
N VAL B 88 14.27 13.18 -0.78
CA VAL B 88 15.47 12.39 -1.05
C VAL B 88 14.95 11.15 -1.78
N VAL B 89 15.40 10.92 -3.00
CA VAL B 89 14.75 9.93 -3.86
C VAL B 89 15.74 9.32 -4.85
N GLY B 90 15.49 8.07 -5.21
CA GLY B 90 16.28 7.36 -6.21
C GLY B 90 15.69 5.98 -6.42
N SER B 91 16.23 5.26 -7.41
CA SER B 91 15.72 3.94 -7.75
C SER B 91 16.70 3.19 -8.63
N PRO B 92 16.69 1.85 -8.57
CA PRO B 92 17.29 1.02 -9.60
C PRO B 92 16.37 0.88 -10.81
N GLY B 93 16.85 0.19 -11.84
CA GLY B 93 16.03 -0.10 -13.01
C GLY B 93 16.64 0.17 -14.37
N GLY B 94 17.96 0.28 -14.44
CA GLY B 94 18.64 0.51 -15.72
C GLY B 94 18.09 1.73 -16.41
N SER B 95 17.71 1.58 -17.69
CA SER B 95 17.18 2.71 -18.44
C SER B 95 15.93 3.34 -17.78
N ARG B 96 15.22 2.54 -16.98
CA ARG B 96 13.99 3.00 -16.35
C ARG B 96 14.20 3.88 -15.12
N ILE B 97 15.44 4.01 -14.66
CA ILE B 97 15.69 4.81 -13.46
C ILE B 97 15.22 6.24 -13.65
N ILE B 98 15.62 6.84 -14.78
CA ILE B 98 15.37 8.26 -15.00
C ILE B 98 13.87 8.52 -14.93
N THR B 99 13.09 7.71 -15.64
CA THR B 99 11.64 7.90 -15.71
C THR B 99 10.93 7.57 -14.37
N THR B 100 11.41 6.55 -13.66
CA THR B 100 10.85 6.25 -12.33
C THR B 100 11.03 7.42 -11.37
N VAL B 101 12.24 7.93 -11.27
CA VAL B 101 12.51 9.01 -10.34
C VAL B 101 11.71 10.27 -10.68
N LEU B 102 11.65 10.63 -11.96
CA LEU B 102 10.94 11.84 -12.31
C LEU B 102 9.45 11.71 -12.04
N GLN B 103 8.90 10.51 -12.25
CA GLN B 103 7.47 10.29 -11.94
C GLN B 103 7.16 10.45 -10.44
N VAL B 104 8.04 9.98 -9.57
CA VAL B 104 7.82 10.15 -8.13
C VAL B 104 7.85 11.66 -7.76
N ILE B 105 8.84 12.38 -8.29
CA ILE B 105 8.95 13.81 -8.05
C ILE B 105 7.74 14.57 -8.58
N SER B 106 7.31 14.25 -9.81
CA SER B 106 6.12 14.85 -10.41
C SER B 106 4.85 14.56 -9.60
N ASN B 107 4.73 13.33 -9.11
CA ASN B 107 3.56 12.95 -8.31
C ASN B 107 3.40 13.82 -7.06
N VAL B 108 4.53 14.11 -6.42
CA VAL B 108 4.55 15.00 -5.25
C VAL B 108 4.25 16.45 -5.68
N ILE B 109 5.03 16.96 -6.65
CA ILE B 109 4.93 18.39 -6.99
C ILE B 109 3.69 18.77 -7.79
N ASP B 110 3.39 18.00 -8.82
CA ASP B 110 2.26 18.29 -9.69
C ASP B 110 0.93 17.87 -9.10
N TYR B 111 0.91 16.70 -8.43
CA TYR B 111 -0.37 16.08 -8.02
C TYR B 111 -0.62 16.11 -6.52
N ASN B 112 0.33 16.66 -5.77
N ASN B 112 0.35 16.62 -5.77
CA ASN B 112 0.22 16.78 -4.31
CA ASN B 112 0.24 16.78 -4.32
C ASN B 112 -0.05 15.43 -3.63
C ASN B 112 0.08 15.47 -3.54
N MET B 113 0.63 14.40 -4.11
CA MET B 113 0.65 13.11 -3.42
C MET B 113 1.63 13.20 -2.24
N ASN B 114 1.31 12.50 -1.16
CA ASN B 114 2.32 12.29 -0.12
C ASN B 114 3.32 11.25 -0.62
N ILE B 115 4.41 11.05 0.10
CA ILE B 115 5.50 10.24 -0.48
C ILE B 115 5.09 8.78 -0.68
N SER B 116 4.22 8.25 0.18
CA SER B 116 3.75 6.89 0.03
C SER B 116 2.93 6.74 -1.25
N GLU B 117 1.99 7.67 -1.45
CA GLU B 117 1.17 7.72 -2.68
C GLU B 117 2.03 7.88 -3.94
N ALA B 118 2.99 8.80 -3.87
CA ALA B 118 3.87 9.10 -5.01
C ALA B 118 4.69 7.89 -5.46
N VAL B 119 5.14 7.09 -4.50
CA VAL B 119 5.93 5.89 -4.76
C VAL B 119 5.07 4.71 -5.24
N SER B 120 3.90 4.53 -4.64
N SER B 120 3.91 4.53 -4.62
CA SER B 120 3.00 3.42 -4.99
CA SER B 120 3.00 3.43 -4.99
C SER B 120 2.31 3.59 -6.35
C SER B 120 2.44 3.60 -6.41
N ALA B 121 2.15 4.84 -6.81
CA ALA B 121 1.43 5.12 -8.07
C ALA B 121 2.05 4.36 -9.26
N PRO B 122 1.20 3.77 -10.11
CA PRO B 122 1.69 3.12 -11.32
C PRO B 122 2.59 4.03 -12.17
N ARG B 123 3.58 3.41 -12.83
CA ARG B 123 4.58 4.10 -13.63
C ARG B 123 4.50 3.71 -15.09
N PHE B 124 4.77 4.67 -15.97
CA PHE B 124 4.94 4.37 -17.41
C PHE B 124 6.37 4.71 -17.83
N HIS B 125 6.72 4.37 -19.06
CA HIS B 125 8.11 4.54 -19.49
C HIS B 125 8.19 4.59 -21.00
N MET B 126 8.96 5.55 -21.49
CA MET B 126 9.31 5.69 -22.91
C MET B 126 10.81 5.96 -23.00
N GLN B 127 11.52 5.17 -23.80
CA GLN B 127 12.97 5.34 -23.94
C GLN B 127 13.43 5.45 -25.38
N TRP B 128 12.49 5.86 -26.25
CA TRP B 128 12.75 6.16 -27.67
C TRP B 128 12.97 4.90 -28.52
N LEU B 129 14.01 4.13 -28.20
CA LEU B 129 14.15 2.76 -28.74
C LEU B 129 14.21 1.76 -27.58
N PRO B 130 13.29 0.76 -27.59
CA PRO B 130 12.21 0.53 -28.57
C PRO B 130 11.14 1.62 -28.52
N ASP B 131 10.44 1.82 -29.63
CA ASP B 131 9.40 2.84 -29.73
C ASP B 131 8.11 2.24 -29.17
N GLU B 132 8.00 2.28 -27.85
CA GLU B 132 6.85 1.68 -27.14
C GLU B 132 6.59 2.47 -25.87
N LEU B 133 5.35 2.44 -25.41
CA LEU B 133 5.00 3.01 -24.13
C LEU B 133 4.82 1.84 -23.18
N ARG B 134 5.80 1.69 -22.29
CA ARG B 134 5.83 0.62 -21.32
C ARG B 134 4.98 0.99 -20.09
N ILE B 135 4.07 0.10 -19.72
CA ILE B 135 3.22 0.26 -18.53
C ILE B 135 3.26 -0.95 -17.58
N GLU B 136 2.57 -0.81 -16.45
CA GLU B 136 2.53 -1.86 -15.42
C GLU B 136 1.14 -2.46 -15.32
N LYS B 137 1.09 -3.69 -14.81
CA LYS B 137 -0.17 -4.40 -14.61
C LYS B 137 -1.06 -3.56 -13.70
N PHE B 138 -2.33 -3.44 -14.08
CA PHE B 138 -3.33 -2.61 -13.40
C PHE B 138 -3.03 -1.10 -13.37
N GLY B 139 -2.07 -0.66 -14.18
CA GLY B 139 -1.57 0.69 -14.08
C GLY B 139 -2.29 1.73 -14.93
N MET B 140 -3.02 1.25 -15.94
CA MET B 140 -3.66 2.15 -16.89
C MET B 140 -4.99 1.54 -17.33
N PRO B 141 -6.12 2.24 -17.08
CA PRO B 141 -7.40 1.69 -17.47
C PRO B 141 -7.64 1.81 -18.97
N ALA B 142 -8.59 1.00 -19.47
CA ALA B 142 -8.94 0.93 -20.88
C ALA B 142 -9.09 2.29 -21.56
N ASP B 143 -9.79 3.23 -20.90
CA ASP B 143 -10.06 4.54 -21.50
C ASP B 143 -8.78 5.32 -21.80
N VAL B 144 -7.81 5.23 -20.89
CA VAL B 144 -6.53 5.93 -21.06
C VAL B 144 -5.70 5.24 -22.14
N LYS B 145 -5.62 3.91 -22.07
CA LYS B 145 -4.93 3.12 -23.10
C LYS B 145 -5.47 3.41 -24.50
N ASP B 146 -6.80 3.42 -24.63
CA ASP B 146 -7.44 3.69 -25.92
C ASP B 146 -7.05 5.06 -26.46
N ASN B 147 -7.05 6.06 -25.59
CA ASN B 147 -6.69 7.41 -26.05
C ASN B 147 -5.22 7.53 -26.45
N LEU B 148 -4.34 6.92 -25.67
CA LEU B 148 -2.92 6.92 -26.02
C LEU B 148 -2.62 6.12 -27.30
N THR B 149 -3.29 4.98 -27.46
CA THR B 149 -3.15 4.19 -28.70
C THR B 149 -3.58 5.01 -29.94
N LYS B 150 -4.64 5.77 -29.81
CA LYS B 150 -5.11 6.64 -30.89
C LYS B 150 -4.10 7.70 -31.29
N MET B 151 -3.33 8.16 -30.32
CA MET B 151 -2.27 9.14 -30.55
C MET B 151 -1.11 8.55 -31.34
N GLY B 152 -1.01 7.22 -31.33
CA GLY B 152 0.07 6.52 -32.02
C GLY B 152 1.06 5.78 -31.15
N TYR B 153 0.75 5.62 -29.85
CA TYR B 153 1.59 4.81 -28.98
C TYR B 153 1.34 3.32 -29.17
N GLN B 154 2.42 2.55 -29.07
CA GLN B 154 2.32 1.11 -28.96
C GLN B 154 2.51 0.77 -27.49
N ILE B 155 1.41 0.41 -26.83
CA ILE B 155 1.42 0.15 -25.40
C ILE B 155 1.76 -1.30 -25.12
N VAL B 156 2.70 -1.50 -24.19
CA VAL B 156 3.10 -2.85 -23.77
C VAL B 156 3.13 -2.92 -22.25
N THR B 157 2.53 -3.98 -21.71
CA THR B 157 2.58 -4.25 -20.28
C THR B 157 3.78 -5.16 -19.98
N LYS B 158 4.62 -4.70 -19.06
CA LYS B 158 5.85 -5.41 -18.69
C LYS B 158 6.01 -5.44 -17.16
N PRO B 159 7.00 -6.21 -16.65
CA PRO B 159 7.23 -6.31 -15.21
C PRO B 159 7.33 -4.95 -14.54
N VAL B 160 6.96 -4.89 -13.26
CA VAL B 160 6.96 -3.60 -12.53
C VAL B 160 8.35 -2.96 -12.56
N MET B 161 8.35 -1.63 -12.59
CA MET B 161 9.58 -0.88 -12.75
C MET B 161 10.04 -0.19 -11.47
N GLY B 162 11.24 -0.55 -11.02
CA GLY B 162 11.93 0.23 -9.98
C GLY B 162 11.75 -0.25 -8.56
N ASP B 163 12.43 0.45 -7.65
CA ASP B 163 12.39 0.12 -6.24
C ASP B 163 12.82 1.38 -5.48
N VAL B 164 11.86 2.30 -5.34
CA VAL B 164 12.14 3.62 -4.79
C VAL B 164 12.15 3.59 -3.27
N ASN B 165 13.24 4.09 -2.68
CA ASN B 165 13.28 4.37 -1.24
C ASN B 165 13.45 5.88 -1.11
N ALA B 166 12.41 6.53 -0.57
CA ALA B 166 12.29 7.98 -0.60
C ALA B 166 11.93 8.56 0.77
N ILE B 167 12.45 9.75 1.04
CA ILE B 167 12.12 10.50 2.24
C ILE B 167 11.53 11.83 1.83
N GLN B 168 10.45 12.23 2.50
CA GLN B 168 9.94 13.59 2.39
C GLN B 168 10.11 14.29 3.73
N VAL B 169 10.61 15.52 3.72
CA VAL B 169 10.82 16.28 4.95
C VAL B 169 9.91 17.50 4.97
N LEU B 170 9.19 17.69 6.06
CA LEU B 170 8.32 18.84 6.17
C LEU B 170 8.63 19.60 7.46
N PRO B 171 8.75 20.94 7.38
CA PRO B 171 9.03 21.70 8.59
C PRO B 171 7.83 21.69 9.54
N LYS B 172 8.14 21.70 10.84
CA LYS B 172 7.14 21.85 11.88
C LYS B 172 7.48 23.10 12.69
N THR B 173 6.55 23.53 13.54
CA THR B 173 6.78 24.66 14.45
C THR B 173 8.12 24.47 15.17
N LYS B 174 8.33 23.28 15.72
CA LYS B 174 9.64 22.86 16.22
C LYS B 174 10.20 21.76 15.31
N GLY B 175 11.35 22.04 14.71
CA GLY B 175 12.07 21.08 13.88
C GLY B 175 11.33 20.66 12.62
N SER B 176 11.53 19.40 12.24
CA SER B 176 10.94 18.83 11.03
C SER B 176 10.31 17.48 11.33
N VAL B 177 9.47 17.02 10.41
CA VAL B 177 8.98 15.66 10.44
C VAL B 177 9.53 14.94 9.21
N PHE B 178 9.97 13.69 9.38
CA PHE B 178 10.51 12.90 8.28
C PHE B 178 9.55 11.79 7.93
N TYR B 179 9.16 11.73 6.66
CA TYR B 179 8.23 10.70 6.17
C TYR B 179 8.97 9.79 5.18
N GLY B 180 8.74 8.48 5.29
CA GLY B 180 9.45 7.54 4.44
C GLY B 180 8.52 6.63 3.68
N SER B 181 8.98 6.19 2.50
CA SER B 181 8.35 5.11 1.80
C SER B 181 9.37 4.20 1.17
N THR B 182 9.21 2.91 1.43
CA THR B 182 9.77 1.88 0.57
C THR B 182 8.78 1.59 -0.58
N ASP B 183 9.18 0.74 -1.52
CA ASP B 183 8.39 0.53 -2.73
C ASP B 183 7.61 -0.78 -2.63
N PRO B 184 6.28 -0.73 -2.84
CA PRO B 184 5.48 -1.97 -2.82
C PRO B 184 5.88 -2.97 -3.91
N ARG B 185 6.69 -2.53 -4.89
CA ARG B 185 7.15 -3.40 -5.97
C ARG B 185 8.18 -4.43 -5.51
N LYS B 186 8.93 -4.10 -4.45
CA LYS B 186 10.01 -4.94 -3.91
C LYS B 186 10.73 -4.23 -2.75
N ILE C 30 0.68 -10.10 4.77
CA ILE C 30 0.23 -10.93 5.92
C ILE C 30 -0.01 -12.34 5.41
N LYS C 31 0.67 -13.32 6.01
CA LYS C 31 0.62 -14.70 5.54
C LYS C 31 0.73 -15.68 6.70
N ASN C 32 -0.05 -16.75 6.64
CA ASN C 32 0.03 -17.85 7.61
C ASN C 32 -0.26 -19.17 6.92
N THR C 33 0.47 -20.20 7.33
CA THR C 33 0.38 -21.53 6.75
C THR C 33 0.17 -22.58 7.85
N LYS C 34 -0.23 -22.13 9.03
CA LYS C 34 -0.30 -23.03 10.19
C LYS C 34 -1.65 -23.03 10.92
N VAL C 35 -2.05 -21.86 11.43
CA VAL C 35 -3.28 -21.77 12.21
C VAL C 35 -4.32 -20.83 11.61
N GLY C 36 -3.99 -20.22 10.47
CA GLY C 36 -4.93 -19.26 9.84
C GLY C 36 -4.64 -17.82 10.21
N LEU C 37 -5.65 -16.96 10.07
CA LEU C 37 -5.50 -15.52 10.34
C LEU C 37 -6.71 -14.96 11.08
N ALA C 38 -6.44 -14.03 12.00
CA ALA C 38 -7.48 -13.21 12.64
C ALA C 38 -7.11 -11.76 12.36
N LEU C 39 -7.94 -11.06 11.60
CA LEU C 39 -7.56 -9.75 11.10
C LEU C 39 -8.58 -8.67 11.45
N SER C 40 -8.11 -7.61 12.11
CA SER C 40 -8.94 -6.47 12.49
C SER C 40 -8.26 -5.14 12.15
N SER C 41 -8.98 -4.05 12.43
CA SER C 41 -8.48 -2.68 12.22
C SER C 41 -7.61 -2.16 13.36
N HIS C 42 -7.34 -2.98 14.37
CA HIS C 42 -6.38 -2.54 15.39
C HIS C 42 -5.38 -3.66 15.66
N PRO C 43 -4.06 -3.37 15.52
CA PRO C 43 -3.07 -4.44 15.68
C PRO C 43 -3.12 -5.15 17.04
N LEU C 44 -3.48 -4.45 18.12
CA LEU C 44 -3.58 -5.13 19.42
C LEU C 44 -4.71 -6.16 19.46
N ALA C 45 -5.84 -5.85 18.81
CA ALA C 45 -6.95 -6.80 18.72
C ALA C 45 -6.62 -7.97 17.78
N SER C 46 -5.99 -7.66 16.64
CA SER C 46 -5.54 -8.70 15.72
C SER C 46 -4.58 -9.67 16.41
N GLU C 47 -3.61 -9.13 17.15
CA GLU C 47 -2.67 -9.98 17.89
C GLU C 47 -3.39 -10.87 18.91
N ILE C 48 -4.41 -10.33 19.57
CA ILE C 48 -5.20 -11.09 20.54
C ILE C 48 -5.89 -12.25 19.84
N GLY C 49 -6.52 -11.97 18.69
CA GLY C 49 -7.18 -13.03 17.92
C GLY C 49 -6.20 -14.07 17.41
N GLN C 50 -5.06 -13.62 16.91
CA GLN C 50 -4.03 -14.53 16.38
C GLN C 50 -3.49 -15.46 17.45
N LYS C 51 -3.31 -14.94 18.67
CA LYS C 51 -2.80 -15.72 19.79
C LYS C 51 -3.80 -16.81 20.17
N VAL C 52 -5.09 -16.49 20.11
CA VAL C 52 -6.14 -17.49 20.33
C VAL C 52 -5.98 -18.64 19.32
N LEU C 53 -5.76 -18.31 18.05
CA LEU C 53 -5.51 -19.33 17.03
C LEU C 53 -4.24 -20.13 17.33
N GLU C 54 -3.18 -19.44 17.74
CA GLU C 54 -1.89 -20.09 18.06
C GLU C 54 -2.05 -21.08 19.21
N GLU C 55 -2.89 -20.71 20.17
CA GLU C 55 -3.11 -21.47 21.41
C GLU C 55 -4.10 -22.62 21.22
N GLY C 56 -4.68 -22.73 20.02
CA GLY C 56 -5.52 -23.87 19.69
C GLY C 56 -7.03 -23.64 19.60
N GLY C 57 -7.45 -22.39 19.77
CA GLY C 57 -8.87 -22.05 19.61
C GLY C 57 -9.28 -22.01 18.15
N ASN C 58 -10.59 -22.05 17.89
CA ASN C 58 -11.07 -22.02 16.52
C ASN C 58 -11.42 -20.59 16.12
N ALA C 59 -11.94 -20.41 14.91
CA ALA C 59 -12.23 -19.08 14.37
C ALA C 59 -13.27 -18.32 15.20
N ILE C 60 -14.21 -19.07 15.79
CA ILE C 60 -15.24 -18.46 16.65
C ILE C 60 -14.59 -17.95 17.95
N ASP C 61 -13.76 -18.80 18.56
CA ASP C 61 -13.02 -18.37 19.75
C ASP C 61 -12.25 -17.08 19.50
N ALA C 62 -11.50 -17.06 18.40
CA ALA C 62 -10.72 -15.87 18.05
C ALA C 62 -11.61 -14.65 17.80
N ALA C 63 -12.73 -14.85 17.11
CA ALA C 63 -13.65 -13.76 16.80
C ALA C 63 -14.23 -13.16 18.07
N VAL C 64 -14.53 -14.00 19.06
CA VAL C 64 -15.05 -13.50 20.33
C VAL C 64 -14.00 -12.69 21.08
N ALA C 65 -12.76 -13.18 21.12
CA ALA C 65 -11.66 -12.43 21.72
C ALA C 65 -11.51 -11.05 21.07
N ILE C 66 -11.57 -11.02 19.74
CA ILE C 66 -11.43 -9.75 19.00
C ILE C 66 -12.56 -8.79 19.30
N GLY C 67 -13.80 -9.29 19.36
CA GLY C 67 -14.95 -8.41 19.63
C GLY C 67 -14.83 -7.68 20.95
N PHE C 68 -14.36 -8.39 21.99
CA PHE C 68 -14.15 -7.73 23.27
C PHE C 68 -12.94 -6.80 23.25
N ALA C 69 -11.85 -7.24 22.59
CA ALA C 69 -10.66 -6.40 22.51
C ALA C 69 -10.93 -5.08 21.78
N LEU C 70 -11.66 -5.12 20.66
CA LEU C 70 -11.96 -3.88 19.93
C LEU C 70 -12.85 -2.92 20.73
N ALA C 71 -13.64 -3.46 21.67
CA ALA C 71 -14.50 -2.65 22.54
C ALA C 71 -13.66 -1.79 23.49
N VAL C 72 -12.40 -2.20 23.70
CA VAL C 72 -11.45 -1.43 24.50
C VAL C 72 -10.56 -0.52 23.65
N VAL C 73 -9.95 -1.10 22.61
CA VAL C 73 -8.91 -0.40 21.83
C VAL C 73 -9.40 0.43 20.64
N HIS C 74 -10.66 0.27 20.26
CA HIS C 74 -11.21 0.98 19.10
C HIS C 74 -12.60 1.52 19.41
N PRO C 75 -12.73 2.36 20.47
CA PRO C 75 -14.04 2.76 20.96
C PRO C 75 -14.90 3.60 20.02
N ALA C 76 -14.33 4.12 18.95
CA ALA C 76 -15.15 4.79 17.94
C ALA C 76 -16.12 3.81 17.26
N ALA C 77 -15.79 2.52 17.29
CA ALA C 77 -16.43 1.50 16.45
C ALA C 77 -16.61 0.17 17.19
N GLY C 78 -15.51 -0.41 17.65
CA GLY C 78 -15.56 -1.57 18.55
C GLY C 78 -16.36 -1.21 19.78
N ASN C 79 -17.08 -2.17 20.36
CA ASN C 79 -18.07 -1.77 21.34
C ASN C 79 -18.63 -2.91 22.16
N ILE C 80 -19.18 -2.57 23.33
CA ILE C 80 -20.18 -3.43 23.95
C ILE C 80 -21.56 -2.75 23.98
N GLY C 81 -21.61 -1.49 23.54
CA GLY C 81 -22.87 -0.72 23.55
C GLY C 81 -23.65 -0.68 22.25
N GLY C 82 -23.23 -1.48 21.27
CA GLY C 82 -23.87 -1.49 19.94
C GLY C 82 -24.31 -2.88 19.54
N GLY C 83 -24.10 -3.23 18.28
CA GLY C 83 -24.47 -4.58 17.81
C GLY C 83 -23.92 -4.82 16.43
N GLY C 84 -24.31 -5.93 15.84
CA GLY C 84 -23.78 -6.29 14.53
C GLY C 84 -24.22 -7.66 14.11
N PHE C 85 -23.43 -8.23 13.18
CA PHE C 85 -23.72 -9.50 12.55
C PHE C 85 -22.46 -10.34 12.38
N ALA C 86 -22.63 -11.65 12.45
CA ALA C 86 -21.58 -12.61 12.12
C ALA C 86 -22.10 -13.59 11.07
N VAL C 87 -21.36 -13.73 10.00
CA VAL C 87 -21.63 -14.74 8.97
C VAL C 87 -20.55 -15.80 9.16
N ILE C 88 -20.97 -17.06 9.25
CA ILE C 88 -20.06 -18.13 9.65
C ILE C 88 -20.18 -19.31 8.68
N HIS C 89 -19.02 -19.76 8.20
CA HIS C 89 -18.95 -20.99 7.41
C HIS C 89 -18.28 -22.03 8.29
N LEU C 90 -18.94 -23.17 8.51
CA LEU C 90 -18.39 -24.22 9.37
C LEU C 90 -17.64 -25.26 8.55
N ALA C 91 -16.67 -25.91 9.19
CA ALA C 91 -15.88 -26.97 8.58
C ALA C 91 -16.74 -28.01 7.86
N ASN C 92 -17.89 -28.35 8.43
CA ASN C 92 -18.73 -29.39 7.85
C ASN C 92 -19.52 -28.94 6.61
N GLY C 93 -19.40 -27.66 6.26
CA GLY C 93 -20.06 -27.12 5.07
C GLY C 93 -21.29 -26.27 5.32
N GLU C 94 -21.79 -26.27 6.55
CA GLU C 94 -22.95 -25.44 6.90
C GLU C 94 -22.58 -23.96 6.93
N ASN C 95 -23.52 -23.13 6.51
CA ASN C 95 -23.36 -21.66 6.58
C ASN C 95 -24.49 -21.12 7.43
N VAL C 96 -24.14 -20.28 8.40
CA VAL C 96 -25.12 -19.72 9.34
C VAL C 96 -24.88 -18.23 9.55
N ALA C 97 -25.90 -17.50 9.96
CA ALA C 97 -25.73 -16.09 10.25
C ALA C 97 -26.26 -15.80 11.65
N LEU C 98 -25.53 -14.97 12.40
CA LEU C 98 -25.99 -14.51 13.71
C LEU C 98 -26.33 -13.03 13.63
N ASP C 99 -27.58 -12.73 13.97
CA ASP C 99 -28.10 -11.37 14.08
C ASP C 99 -27.98 -10.98 15.56
N PHE C 100 -27.06 -10.07 15.87
CA PHE C 100 -27.02 -9.43 17.19
C PHE C 100 -27.16 -7.91 17.03
N ARG C 101 -28.06 -7.55 16.12
CA ARG C 101 -28.41 -6.16 15.85
C ARG C 101 -29.21 -5.58 17.01
N GLU C 102 -29.01 -4.30 17.31
CA GLU C 102 -29.83 -3.64 18.33
C GLU C 102 -31.32 -3.69 17.98
N LYS C 103 -32.16 -3.66 19.02
CA LYS C 103 -33.60 -3.59 18.86
C LYS C 103 -34.11 -2.22 19.27
N ALA C 104 -35.14 -1.72 18.58
CA ALA C 104 -35.86 -0.57 19.11
C ALA C 104 -36.38 -0.93 20.51
N PRO C 105 -36.27 0.00 21.47
CA PRO C 105 -36.79 -0.29 22.81
C PRO C 105 -38.26 -0.71 22.84
N LEU C 106 -38.65 -1.37 23.92
CA LEU C 106 -40.01 -1.88 24.11
C LEU C 106 -41.02 -0.76 24.00
N LYS C 107 -40.60 0.46 24.36
CA LYS C 107 -41.46 1.65 24.37
C LYS C 107 -41.27 2.58 23.17
N ALA C 108 -40.46 2.16 22.19
CA ALA C 108 -40.24 2.95 20.97
C ALA C 108 -41.56 3.12 20.20
N THR C 109 -41.65 4.22 19.44
CA THR C 109 -42.82 4.52 18.61
C THR C 109 -42.41 5.12 17.25
N LYS C 110 -43.31 5.01 16.28
CA LYS C 110 -43.06 5.45 14.91
C LYS C 110 -42.56 6.89 14.82
N ASN C 111 -43.22 7.79 15.55
CA ASN C 111 -42.93 9.21 15.44
C ASN C 111 -42.09 9.76 16.58
N MET C 112 -41.32 8.90 17.24
CA MET C 112 -40.62 9.29 18.48
C MET C 112 -39.59 10.41 18.30
N PHE C 113 -39.09 10.60 17.08
CA PHE C 113 -38.09 11.63 16.82
C PHE C 113 -38.65 12.89 16.18
N LEU C 114 -39.98 13.02 16.22
CA LEU C 114 -40.66 14.17 15.63
C LEU C 114 -41.29 15.06 16.68
N ASP C 115 -41.45 16.34 16.35
CA ASP C 115 -42.14 17.30 17.21
C ASP C 115 -43.65 17.26 16.97
N LYS C 116 -44.38 18.17 17.60
CA LYS C 116 -45.84 18.21 17.46
C LYS C 116 -46.30 18.45 16.02
N GLN C 117 -45.46 19.13 15.23
CA GLN C 117 -45.78 19.47 13.85
C GLN C 117 -45.39 18.39 12.84
N GLY C 118 -44.73 17.34 13.33
CA GLY C 118 -44.34 16.20 12.50
C GLY C 118 -43.00 16.38 11.83
N ASN C 119 -42.20 17.31 12.35
CA ASN C 119 -40.88 17.57 11.83
C ASN C 119 -39.81 16.96 12.71
N VAL C 120 -38.72 16.53 12.07
CA VAL C 120 -37.59 15.95 12.77
C VAL C 120 -37.02 16.92 13.81
N VAL C 121 -36.85 16.43 15.03
CA VAL C 121 -36.17 17.20 16.09
C VAL C 121 -34.67 17.05 15.84
N PRO C 122 -33.98 18.15 15.49
CA PRO C 122 -32.57 18.03 15.12
C PRO C 122 -31.74 17.31 16.19
N LYS C 123 -30.96 16.33 15.72
CA LYS C 123 -29.98 15.56 16.52
C LYS C 123 -30.54 14.54 17.51
N LEU C 124 -31.87 14.45 17.64
CA LEU C 124 -32.47 13.55 18.63
C LEU C 124 -32.20 12.07 18.31
N SER C 125 -32.17 11.74 17.02
CA SER C 125 -31.84 10.37 16.60
C SER C 125 -30.32 10.13 16.52
N GLU C 126 -29.52 11.17 16.80
CA GLU C 126 -28.06 11.09 16.58
C GLU C 126 -27.22 11.23 17.84
N ASP C 127 -27.58 12.19 18.70
CA ASP C 127 -26.81 12.50 19.90
C ASP C 127 -27.63 12.16 21.14
N GLY C 128 -27.01 11.44 22.07
CA GLY C 128 -27.65 11.20 23.36
C GLY C 128 -28.43 9.91 23.53
N TYR C 129 -29.18 9.87 24.63
CA TYR C 129 -29.67 8.59 25.15
C TYR C 129 -30.89 8.01 24.43
N LEU C 130 -31.70 8.86 23.80
CA LEU C 130 -32.85 8.36 23.02
C LEU C 130 -32.42 7.80 21.66
N ALA C 131 -31.19 8.09 21.25
CA ALA C 131 -30.69 7.62 19.96
C ALA C 131 -30.34 6.15 19.96
N ALA C 132 -30.32 5.54 21.14
CA ALA C 132 -29.81 4.18 21.32
C ALA C 132 -30.86 3.08 21.14
N GLY C 133 -30.47 2.04 20.41
CA GLY C 133 -31.23 0.78 20.43
C GLY C 133 -30.68 -0.09 21.55
N VAL C 134 -31.39 -1.16 21.89
CA VAL C 134 -30.94 -2.09 22.95
C VAL C 134 -29.69 -2.83 22.45
N PRO C 135 -28.56 -2.69 23.16
CA PRO C 135 -27.32 -3.32 22.65
C PRO C 135 -27.37 -4.85 22.51
N GLY C 136 -26.83 -5.34 21.39
CA GLY C 136 -26.74 -6.78 21.10
C GLY C 136 -25.36 -7.43 21.17
N THR C 137 -24.30 -6.62 21.18
CA THR C 137 -22.95 -7.18 21.08
C THR C 137 -22.61 -8.27 22.09
N VAL C 138 -22.85 -8.00 23.37
CA VAL C 138 -22.45 -8.97 24.39
C VAL C 138 -23.23 -10.28 24.21
N ALA C 139 -24.53 -10.17 23.94
CA ALA C 139 -25.34 -11.36 23.64
C ALA C 139 -24.84 -12.11 22.42
N GLY C 140 -24.42 -11.37 21.39
CA GLY C 140 -23.91 -11.99 20.17
C GLY C 140 -22.62 -12.75 20.42
N MET C 141 -21.68 -12.11 21.09
CA MET C 141 -20.43 -12.79 21.44
C MET C 141 -20.65 -14.11 22.17
N GLU C 142 -21.47 -14.08 23.21
CA GLU C 142 -21.73 -15.27 24.00
C GLU C 142 -22.46 -16.35 23.19
N ALA C 143 -23.43 -15.92 22.38
CA ALA C 143 -24.21 -16.85 21.57
C ALA C 143 -23.36 -17.65 20.60
N MET C 144 -22.49 -16.98 19.84
CA MET C 144 -21.68 -17.74 18.89
C MET C 144 -20.63 -18.60 19.62
N LEU C 145 -20.12 -18.12 20.74
CA LEU C 145 -19.15 -18.89 21.55
C LEU C 145 -19.75 -20.20 22.06
N LYS C 146 -20.96 -20.11 22.60
CA LYS C 146 -21.60 -21.29 23.18
C LYS C 146 -22.00 -22.31 22.13
N LYS C 147 -22.42 -21.85 20.96
CA LYS C 147 -22.87 -22.74 19.90
C LYS C 147 -21.72 -23.36 19.09
N TYR C 148 -20.69 -22.57 18.79
CA TYR C 148 -19.66 -23.00 17.85
C TYR C 148 -18.22 -22.89 18.33
N GLY C 149 -18.01 -22.28 19.49
CA GLY C 149 -16.66 -22.09 20.04
C GLY C 149 -16.17 -23.33 20.79
N THR C 150 -14.96 -23.23 21.34
CA THR C 150 -14.37 -24.35 22.10
C THR C 150 -13.81 -23.91 23.45
N LYS C 151 -13.53 -22.61 23.58
CA LYS C 151 -12.93 -22.04 24.78
C LYS C 151 -13.96 -21.32 25.65
N LYS C 152 -13.58 -21.03 26.89
CA LYS C 152 -14.48 -20.37 27.84
C LYS C 152 -14.40 -18.86 27.67
N LEU C 153 -15.54 -18.19 27.82
CA LEU C 153 -15.59 -16.74 27.69
C LEU C 153 -14.65 -16.08 28.69
N SER C 154 -14.63 -16.60 29.90
CA SER C 154 -13.80 -16.08 30.98
C SER C 154 -12.35 -15.88 30.54
N GLN C 155 -11.83 -16.82 29.75
CA GLN C 155 -10.46 -16.75 29.24
C GLN C 155 -10.28 -15.84 28.02
N LEU C 156 -11.24 -15.89 27.11
CA LEU C 156 -11.16 -15.08 25.87
C LEU C 156 -11.30 -13.57 26.12
N ILE C 157 -11.92 -13.22 27.24
CA ILE C 157 -12.16 -11.81 27.60
C ILE C 157 -10.99 -11.24 28.41
N ASP C 158 -10.13 -12.11 28.94
CA ASP C 158 -8.98 -11.65 29.74
C ASP C 158 -8.09 -10.61 29.04
N PRO C 159 -7.73 -10.82 27.75
CA PRO C 159 -6.91 -9.79 27.08
C PRO C 159 -7.56 -8.39 27.01
N ALA C 160 -8.85 -8.34 26.73
CA ALA C 160 -9.55 -7.07 26.70
C ALA C 160 -9.56 -6.41 28.08
N ILE C 161 -9.80 -7.21 29.12
CA ILE C 161 -9.78 -6.70 30.50
C ILE C 161 -8.42 -6.08 30.83
N LYS C 162 -7.34 -6.76 30.45
CA LYS C 162 -5.97 -6.27 30.68
C LYS C 162 -5.74 -4.91 30.01
N LEU C 163 -6.22 -4.75 28.77
CA LEU C 163 -6.07 -3.49 28.06
C LEU C 163 -6.90 -2.37 28.69
N ALA C 164 -8.08 -2.72 29.21
CA ALA C 164 -8.93 -1.75 29.89
C ALA C 164 -8.29 -1.28 31.20
N GLU C 165 -7.80 -2.25 31.97
N GLU C 165 -7.79 -2.25 31.99
CA GLU C 165 -7.21 -1.96 33.29
CA GLU C 165 -7.23 -1.92 33.29
C GLU C 165 -5.86 -1.26 33.20
C GLU C 165 -5.86 -1.25 33.21
N ASN C 166 -5.00 -1.73 32.31
CA ASN C 166 -3.61 -1.25 32.25
C ASN C 166 -3.32 -0.23 31.16
N GLY C 167 -4.22 -0.12 30.20
CA GLY C 167 -4.11 0.93 29.18
C GLY C 167 -3.46 0.52 27.88
N TYR C 168 -3.60 1.39 26.89
CA TYR C 168 -2.95 1.23 25.59
C TYR C 168 -2.72 2.61 25.00
N ALA C 169 -1.81 2.70 24.03
CA ALA C 169 -1.43 3.98 23.43
C ALA C 169 -2.44 4.43 22.39
N ILE C 170 -2.91 5.65 22.55
CA ILE C 170 -3.76 6.32 21.57
C ILE C 170 -2.97 6.47 20.26
N SER C 171 -3.58 6.06 19.15
CA SER C 171 -2.94 6.20 17.84
C SER C 171 -3.13 7.58 17.26
N GLN C 172 -2.41 7.87 16.17
CA GLN C 172 -2.57 9.14 15.46
C GLN C 172 -4.01 9.36 14.97
N ARG C 173 -4.60 8.34 14.33
CA ARG C 173 -5.97 8.44 13.84
C ARG C 173 -6.98 8.61 14.98
N GLN C 174 -6.76 7.87 16.06
CA GLN C 174 -7.64 7.98 17.23
C GLN C 174 -7.65 9.36 17.82
N ALA C 175 -6.47 9.97 17.92
CA ALA C 175 -6.38 11.35 18.40
C ALA C 175 -7.22 12.27 17.53
N GLU C 176 -7.23 12.03 16.22
CA GLU C 176 -8.01 12.86 15.28
C GLU C 176 -9.50 12.66 15.47
N THR C 177 -9.92 11.40 15.55
CA THR C 177 -11.35 11.13 15.67
C THR C 177 -11.90 11.56 17.04
N LEU C 178 -11.10 11.40 18.10
CA LEU C 178 -11.50 11.92 19.42
C LEU C 178 -11.69 13.43 19.38
N LYS C 179 -10.74 14.13 18.76
CA LYS C 179 -10.83 15.59 18.63
C LYS C 179 -12.09 16.02 17.86
N GLU C 180 -12.42 15.32 16.79
CA GLU C 180 -13.65 15.59 16.04
C GLU C 180 -14.92 15.38 16.85
N ALA C 181 -14.89 14.46 17.81
CA ALA C 181 -16.07 14.15 18.62
C ALA C 181 -16.21 15.03 19.86
N ARG C 182 -15.26 15.93 20.08
CA ARG C 182 -15.17 16.70 21.32
C ARG C 182 -16.48 17.35 21.76
N GLU C 183 -17.10 18.08 20.84
CA GLU C 183 -18.30 18.85 21.13
C GLU C 183 -19.48 17.94 21.46
N ARG C 184 -19.46 16.73 20.89
CA ARG C 184 -20.49 15.74 21.16
C ARG C 184 -20.32 15.15 22.57
N PHE C 185 -19.09 14.73 22.91
CA PHE C 185 -18.79 14.22 24.26
C PHE C 185 -19.16 15.22 25.35
N LEU C 186 -18.88 16.50 25.09
CA LEU C 186 -19.06 17.56 26.09
C LEU C 186 -20.51 17.76 26.55
N LYS C 187 -21.45 17.20 25.80
CA LYS C 187 -22.86 17.27 26.14
C LYS C 187 -23.22 16.31 27.26
N TYR C 188 -22.37 15.31 27.51
CA TYR C 188 -22.72 14.25 28.44
C TYR C 188 -21.66 14.08 29.51
N SER C 189 -22.07 14.28 30.76
CA SER C 189 -21.15 14.14 31.90
C SER C 189 -20.44 12.79 31.93
N SER C 190 -21.14 11.71 31.56
CA SER C 190 -20.52 10.40 31.52
C SER C 190 -19.35 10.37 30.52
N SER C 191 -19.56 10.86 29.31
CA SER C 191 -18.51 10.80 28.29
C SER C 191 -17.36 11.76 28.58
N LYS C 192 -17.67 12.88 29.23
CA LYS C 192 -16.62 13.81 29.66
C LYS C 192 -15.63 13.13 30.61
N LYS C 193 -16.15 12.31 31.50
CA LYS C 193 -15.33 11.54 32.43
C LYS C 193 -14.45 10.50 31.72
N TYR C 194 -15.01 9.81 30.74
CA TYR C 194 -14.35 8.67 30.16
C TYR C 194 -13.39 8.98 29.00
N PHE C 195 -13.76 9.94 28.16
CA PHE C 195 -13.06 10.15 26.88
C PHE C 195 -12.21 11.41 26.79
N PHE C 196 -12.13 12.14 27.89
CA PHE C 196 -11.16 13.22 28.02
C PHE C 196 -10.18 12.94 29.16
N LYS C 197 -8.98 13.50 29.08
CA LYS C 197 -8.03 13.52 30.20
C LYS C 197 -8.52 14.51 31.24
N LYS C 198 -7.83 14.57 32.38
CA LYS C 198 -8.20 15.50 33.43
C LYS C 198 -8.27 16.93 32.85
N GLY C 199 -9.25 17.70 33.31
CA GLY C 199 -9.44 19.07 32.84
C GLY C 199 -10.13 19.10 31.49
N HIS C 200 -10.71 17.95 31.15
CA HIS C 200 -11.42 17.73 29.89
C HIS C 200 -10.56 18.05 28.63
N LEU C 201 -9.27 17.74 28.73
CA LEU C 201 -8.34 17.84 27.61
C LEU C 201 -8.45 16.65 26.66
N ASP C 202 -8.21 16.90 25.38
CA ASP C 202 -8.24 15.84 24.36
C ASP C 202 -7.09 14.88 24.56
N TYR C 203 -7.35 13.58 24.45
CA TYR C 203 -6.24 12.61 24.41
C TYR C 203 -5.35 12.85 23.19
N GLN C 204 -4.04 12.72 23.37
CA GLN C 204 -3.08 12.93 22.31
C GLN C 204 -2.48 11.62 21.85
N GLU C 205 -2.01 11.60 20.60
CA GLU C 205 -1.26 10.44 20.12
C GLU C 205 -0.19 10.07 21.12
N GLY C 206 -0.17 8.80 21.48
CA GLY C 206 0.85 8.24 22.34
C GLY C 206 0.46 8.21 23.82
N ASP C 207 -0.58 8.96 24.18
CA ASP C 207 -1.07 8.93 25.56
C ASP C 207 -1.56 7.52 25.88
N LEU C 208 -1.29 7.09 27.11
CA LEU C 208 -1.84 5.82 27.60
C LEU C 208 -3.28 6.08 28.07
N PHE C 209 -4.21 5.33 27.49
CA PHE C 209 -5.63 5.45 27.78
C PHE C 209 -6.11 4.27 28.65
N VAL C 210 -6.54 4.59 29.87
CA VAL C 210 -6.95 3.59 30.87
C VAL C 210 -8.46 3.73 31.09
N GLN C 211 -9.17 2.59 31.13
CA GLN C 211 -10.65 2.57 31.24
C GLN C 211 -11.15 1.69 32.40
N LYS C 212 -11.10 2.25 33.60
CA LYS C 212 -11.39 1.50 34.81
C LYS C 212 -12.84 1.00 34.88
N ASP C 213 -13.80 1.86 34.58
CA ASP C 213 -15.20 1.43 34.66
C ASP C 213 -15.50 0.38 33.58
N LEU C 214 -14.91 0.55 32.39
CA LEU C 214 -15.07 -0.45 31.34
C LEU C 214 -14.54 -1.79 31.81
N ALA C 215 -13.37 -1.75 32.45
CA ALA C 215 -12.78 -2.96 33.04
C ALA C 215 -13.73 -3.66 34.01
N LYS C 216 -14.46 -2.87 34.81
CA LYS C 216 -15.41 -3.43 35.79
C LYS C 216 -16.53 -4.16 35.08
N THR C 217 -17.06 -3.51 34.04
CA THR C 217 -18.13 -4.07 33.21
C THR C 217 -17.69 -5.39 32.58
N LEU C 218 -16.49 -5.41 31.98
CA LEU C 218 -15.97 -6.61 31.34
C LEU C 218 -15.73 -7.72 32.36
N ASN C 219 -15.33 -7.35 33.57
CA ASN C 219 -15.19 -8.33 34.64
C ASN C 219 -16.51 -8.98 35.06
N GLN C 220 -17.60 -8.21 35.03
CA GLN C 220 -18.93 -8.78 35.28
C GLN C 220 -19.30 -9.78 34.21
N ILE C 221 -18.97 -9.47 32.95
CA ILE C 221 -19.18 -10.40 31.84
C ILE C 221 -18.29 -11.63 31.94
N LYS C 222 -17.04 -11.43 32.34
CA LYS C 222 -16.11 -12.54 32.61
C LYS C 222 -16.72 -13.55 33.62
N THR C 223 -17.28 -13.00 34.69
CA THR C 223 -17.75 -13.79 35.81
C THR C 223 -19.13 -14.42 35.54
N LEU C 224 -20.03 -13.62 34.98
CA LEU C 224 -21.45 -13.99 34.90
C LEU C 224 -21.94 -14.29 33.47
N GLY C 225 -21.09 -14.05 32.49
CA GLY C 225 -21.49 -14.20 31.09
C GLY C 225 -22.31 -13.01 30.65
N ALA C 226 -23.11 -13.20 29.60
CA ALA C 226 -23.96 -12.11 29.10
C ALA C 226 -24.87 -11.55 30.19
N LYS C 227 -25.27 -12.40 31.14
CA LYS C 227 -26.12 -11.98 32.24
C LYS C 227 -25.46 -10.87 33.08
N GLY C 228 -24.13 -10.77 32.98
CA GLY C 228 -23.38 -9.72 33.68
C GLY C 228 -23.53 -8.35 33.05
N PHE C 229 -24.16 -8.33 31.86
CA PHE C 229 -24.45 -7.09 31.13
C PHE C 229 -25.94 -6.77 31.14
N TYR C 230 -26.75 -7.79 30.85
CA TYR C 230 -28.19 -7.64 30.63
C TYR C 230 -29.00 -7.72 31.92
N GLN C 231 -28.35 -8.15 33.00
CA GLN C 231 -28.99 -8.26 34.31
C GLN C 231 -28.07 -7.70 35.40
N GLY C 232 -28.60 -7.65 36.62
CA GLY C 232 -27.81 -7.24 37.78
C GLY C 232 -27.33 -5.80 37.76
N GLN C 233 -26.13 -5.61 38.32
CA GLN C 233 -25.57 -4.28 38.58
C GLN C 233 -25.41 -3.43 37.33
N VAL C 234 -24.88 -4.02 36.27
CA VAL C 234 -24.70 -3.31 35.01
C VAL C 234 -26.05 -2.89 34.41
N ALA C 235 -27.02 -3.81 34.39
CA ALA C 235 -28.37 -3.47 33.92
C ALA C 235 -28.98 -2.32 34.73
N GLU C 236 -28.73 -2.31 36.03
N GLU C 236 -28.74 -2.31 36.04
CA GLU C 236 -29.19 -1.22 36.91
CA GLU C 236 -29.20 -1.21 36.90
C GLU C 236 -28.53 0.12 36.55
C GLU C 236 -28.54 0.12 36.51
N LEU C 237 -27.24 0.10 36.23
CA LEU C 237 -26.52 1.31 35.81
C LEU C 237 -27.12 1.89 34.53
N ILE C 238 -27.42 1.01 33.59
CA ILE C 238 -28.02 1.38 32.32
C ILE C 238 -29.40 2.01 32.54
N GLU C 239 -30.27 1.32 33.27
CA GLU C 239 -31.61 1.83 33.52
C GLU C 239 -31.56 3.19 34.21
N LYS C 240 -30.68 3.32 35.20
CA LYS C 240 -30.58 4.54 35.98
C LYS C 240 -30.12 5.71 35.12
N ASP C 241 -29.12 5.48 34.28
CA ASP C 241 -28.56 6.58 33.50
C ASP C 241 -29.55 7.00 32.40
N MET C 242 -30.25 6.01 31.83
CA MET C 242 -31.33 6.26 30.87
C MET C 242 -32.42 7.14 31.45
N LYS C 243 -32.88 6.78 32.65
CA LYS C 243 -33.93 7.55 33.34
C LYS C 243 -33.48 8.98 33.60
N LYS C 244 -32.24 9.12 34.10
CA LYS C 244 -31.62 10.41 34.40
C LYS C 244 -31.57 11.32 33.18
N ASN C 245 -31.40 10.73 31.99
CA ASN C 245 -31.05 11.47 30.78
C ASN C 245 -32.08 11.48 29.65
N GLY C 246 -33.30 11.05 29.92
CA GLY C 246 -34.37 11.09 28.92
C GLY C 246 -34.37 9.95 27.90
N GLY C 247 -33.63 8.89 28.19
CA GLY C 247 -33.70 7.66 27.39
C GLY C 247 -34.84 6.76 27.84
N ILE C 248 -35.12 5.71 27.08
CA ILE C 248 -36.27 4.85 27.36
C ILE C 248 -35.93 3.36 27.63
N ILE C 249 -34.65 3.02 27.54
CA ILE C 249 -34.20 1.65 27.77
C ILE C 249 -34.21 1.35 29.27
N THR C 250 -34.82 0.25 29.66
CA THR C 250 -34.90 -0.14 31.08
C THR C 250 -34.35 -1.55 31.26
N LYS C 251 -34.38 -2.06 32.49
CA LYS C 251 -34.02 -3.46 32.76
C LYS C 251 -34.86 -4.44 31.93
N GLU C 252 -36.13 -4.10 31.71
CA GLU C 252 -37.01 -4.96 30.90
C GLU C 252 -36.47 -5.12 29.49
N ASP C 253 -36.05 -4.02 28.86
CA ASP C 253 -35.50 -4.06 27.49
C ASP C 253 -34.29 -4.94 27.43
N LEU C 254 -33.42 -4.79 28.43
CA LEU C 254 -32.21 -5.58 28.51
C LEU C 254 -32.53 -7.08 28.68
N ALA C 255 -33.47 -7.41 29.58
CA ALA C 255 -33.87 -8.81 29.76
C ALA C 255 -34.55 -9.42 28.52
N SER C 256 -35.18 -8.58 27.70
CA SER C 256 -35.86 -9.02 26.48
C SER C 256 -34.91 -9.10 25.29
N TYR C 257 -33.67 -8.62 25.44
CA TYR C 257 -32.79 -8.65 24.27
C TYR C 257 -32.58 -10.09 23.79
N ASN C 258 -32.76 -10.32 22.48
CA ASN C 258 -32.55 -11.64 21.89
C ASN C 258 -31.75 -11.58 20.59
N VAL C 259 -30.71 -12.41 20.49
CA VAL C 259 -30.06 -12.63 19.20
C VAL C 259 -30.96 -13.56 18.38
N LYS C 260 -30.74 -13.58 17.07
CA LYS C 260 -31.44 -14.54 16.23
C LYS C 260 -30.46 -15.22 15.30
N TRP C 261 -30.51 -16.55 15.30
CA TRP C 261 -29.79 -17.34 14.31
C TRP C 261 -30.64 -17.39 13.04
N ARG C 262 -30.05 -16.94 11.95
CA ARG C 262 -30.75 -16.84 10.69
C ARG C 262 -30.00 -17.54 9.57
N LYS C 263 -30.72 -17.88 8.51
CA LYS C 263 -30.05 -18.30 7.28
C LYS C 263 -29.38 -17.09 6.62
N PRO C 264 -28.13 -17.26 6.19
CA PRO C 264 -27.53 -16.19 5.40
C PRO C 264 -28.20 -16.13 4.02
N VAL C 265 -28.08 -14.99 3.34
CA VAL C 265 -28.40 -14.99 1.91
C VAL C 265 -27.25 -15.61 1.12
N VAL C 266 -27.60 -16.42 0.12
CA VAL C 266 -26.59 -17.12 -0.66
C VAL C 266 -26.85 -16.85 -2.14
N GLY C 267 -25.76 -16.61 -2.88
CA GLY C 267 -25.82 -16.47 -4.33
C GLY C 267 -24.58 -17.05 -4.97
N SER C 268 -24.38 -16.75 -6.24
CA SER C 268 -23.17 -17.17 -6.93
C SER C 268 -22.73 -16.06 -7.87
N TYR C 269 -21.43 -16.00 -8.12
CA TYR C 269 -20.87 -15.06 -9.06
C TYR C 269 -19.73 -15.76 -9.79
N ARG C 270 -19.96 -16.05 -11.07
CA ARG C 270 -18.99 -16.70 -11.94
C ARG C 270 -18.41 -17.99 -11.34
N GLY C 271 -19.28 -18.78 -10.72
CA GLY C 271 -18.91 -20.10 -10.16
C GLY C 271 -18.48 -20.09 -8.70
N TYR C 272 -18.31 -18.90 -8.14
CA TYR C 272 -17.99 -18.75 -6.72
C TYR C 272 -19.26 -18.59 -5.90
N LYS C 273 -19.29 -19.21 -4.72
CA LYS C 273 -20.45 -19.10 -3.84
C LYS C 273 -20.31 -17.86 -2.97
N ILE C 274 -21.36 -17.05 -2.92
CA ILE C 274 -21.38 -15.85 -2.07
C ILE C 274 -22.33 -16.07 -0.88
N ILE C 275 -21.79 -15.89 0.32
CA ILE C 275 -22.55 -16.08 1.57
C ILE C 275 -22.50 -14.78 2.33
N SER C 276 -23.65 -14.17 2.60
CA SER C 276 -23.65 -12.85 3.23
C SER C 276 -24.84 -12.63 4.17
N MET C 277 -24.93 -11.46 4.78
CA MET C 277 -25.94 -11.23 5.82
C MET C 277 -27.32 -10.93 5.27
N SER C 278 -28.31 -11.65 5.77
CA SER C 278 -29.72 -11.49 5.43
C SER C 278 -30.39 -10.39 6.29
N PRO C 279 -31.67 -10.07 6.02
CA PRO C 279 -32.35 -9.13 6.92
C PRO C 279 -32.18 -9.50 8.39
N PRO C 280 -32.02 -8.51 9.28
CA PRO C 280 -32.27 -7.08 9.13
C PRO C 280 -31.15 -6.26 8.49
N SER C 281 -30.15 -6.89 7.89
CA SER C 281 -29.29 -6.15 6.98
C SER C 281 -29.82 -6.23 5.56
N SER C 282 -29.62 -5.15 4.81
CA SER C 282 -29.88 -5.14 3.37
C SER C 282 -28.61 -5.52 2.61
N GLY C 283 -27.50 -5.61 3.34
CA GLY C 283 -26.17 -5.68 2.71
C GLY C 283 -25.99 -6.90 1.81
N GLY C 284 -26.22 -8.08 2.38
CA GLY C 284 -26.01 -9.29 1.61
C GLY C 284 -26.92 -9.37 0.39
N THR C 285 -28.18 -8.96 0.56
CA THR C 285 -29.15 -9.04 -0.52
C THR C 285 -28.75 -8.15 -1.69
N HIS C 286 -28.40 -6.90 -1.41
CA HIS C 286 -28.03 -6.00 -2.50
C HIS C 286 -26.65 -6.33 -3.08
N LEU C 287 -25.76 -6.88 -2.25
CA LEU C 287 -24.45 -7.34 -2.75
C LEU C 287 -24.67 -8.40 -3.82
N ILE C 288 -25.50 -9.40 -3.49
CA ILE C 288 -25.77 -10.49 -4.43
C ILE C 288 -26.52 -10.00 -5.67
N GLN C 289 -27.49 -9.10 -5.45
CA GLN C 289 -28.27 -8.51 -6.52
C GLN C 289 -27.39 -7.75 -7.51
N ILE C 290 -26.52 -6.88 -7.01
CA ILE C 290 -25.66 -6.07 -7.90
C ILE C 290 -24.65 -6.97 -8.64
N LEU C 291 -24.04 -7.91 -7.92
CA LEU C 291 -23.14 -8.87 -8.59
C LEU C 291 -23.89 -9.70 -9.65
N ASN C 292 -25.12 -10.08 -9.35
CA ASN C 292 -25.97 -10.78 -10.33
C ASN C 292 -26.13 -9.96 -11.61
N VAL C 293 -26.36 -8.67 -11.47
CA VAL C 293 -26.46 -7.83 -12.68
C VAL C 293 -25.14 -7.83 -13.45
N MET C 294 -24.05 -7.55 -12.73
CA MET C 294 -22.70 -7.50 -13.29
C MET C 294 -22.30 -8.79 -14.00
N GLU C 295 -22.79 -9.92 -13.49
CA GLU C 295 -22.47 -11.24 -14.08
C GLU C 295 -22.84 -11.35 -15.56
N ASN C 296 -23.81 -10.56 -15.99
CA ASN C 296 -24.25 -10.54 -17.39
C ASN C 296 -23.26 -9.89 -18.35
N ALA C 297 -22.29 -9.16 -17.79
CA ALA C 297 -21.24 -8.53 -18.61
C ALA C 297 -19.92 -9.28 -18.47
N ASP C 298 -19.10 -9.27 -19.51
CA ASP C 298 -17.76 -9.82 -19.37
C ASP C 298 -16.82 -8.70 -18.95
N LEU C 299 -16.73 -8.49 -17.65
CA LEU C 299 -15.93 -7.40 -17.08
C LEU C 299 -14.45 -7.63 -17.30
N SER C 300 -14.02 -8.88 -17.26
CA SER C 300 -12.59 -9.18 -17.43
C SER C 300 -12.02 -8.69 -18.78
N ALA C 301 -12.87 -8.63 -19.80
CA ALA C 301 -12.46 -8.19 -21.15
C ALA C 301 -11.72 -6.84 -21.13
N LEU C 302 -12.28 -5.85 -20.45
CA LEU C 302 -11.64 -4.53 -20.42
C LEU C 302 -10.83 -4.25 -19.16
N GLY C 303 -11.06 -5.03 -18.10
CA GLY C 303 -10.20 -4.95 -16.92
C GLY C 303 -10.56 -3.85 -15.95
N TYR C 304 -9.78 -3.76 -14.87
CA TYR C 304 -10.08 -2.84 -13.78
C TYR C 304 -10.18 -1.38 -14.26
N GLY C 305 -11.25 -0.70 -13.83
CA GLY C 305 -11.29 0.77 -13.94
C GLY C 305 -11.72 1.31 -15.30
N ALA C 306 -12.17 0.42 -16.18
CA ALA C 306 -12.72 0.83 -17.47
C ALA C 306 -14.10 1.45 -17.29
N SER C 307 -14.36 2.57 -17.98
CA SER C 307 -15.68 3.22 -17.85
C SER C 307 -16.83 2.31 -18.23
N LYS C 308 -16.65 1.47 -19.24
CA LYS C 308 -17.70 0.53 -19.65
C LYS C 308 -18.09 -0.39 -18.49
N ASN C 309 -17.10 -0.84 -17.72
CA ASN C 309 -17.35 -1.73 -16.57
C ASN C 309 -17.96 -0.98 -15.41
N ILE C 310 -17.46 0.23 -15.15
CA ILE C 310 -17.98 1.07 -14.07
C ILE C 310 -19.45 1.37 -14.30
N HIS C 311 -19.81 1.65 -15.56
CA HIS C 311 -21.20 1.95 -15.92
C HIS C 311 -22.15 0.80 -15.55
N ILE C 312 -21.78 -0.44 -15.89
CA ILE C 312 -22.67 -1.56 -15.59
C ILE C 312 -22.87 -1.67 -14.08
N ALA C 313 -21.77 -1.65 -13.34
CA ALA C 313 -21.83 -1.79 -11.90
C ALA C 313 -22.62 -0.64 -11.28
N ALA C 314 -22.37 0.58 -11.74
CA ALA C 314 -23.01 1.77 -11.17
C ALA C 314 -24.52 1.80 -11.44
N GLU C 315 -24.94 1.42 -12.64
CA GLU C 315 -26.37 1.37 -12.98
C GLU C 315 -27.08 0.25 -12.20
N ALA C 316 -26.38 -0.85 -11.95
CA ALA C 316 -26.87 -1.93 -11.07
C ALA C 316 -27.06 -1.40 -9.65
N MET C 317 -26.05 -0.71 -9.14
CA MET C 317 -26.14 -0.05 -7.84
C MET C 317 -27.34 0.88 -7.74
N ARG C 318 -27.55 1.70 -8.76
CA ARG C 318 -28.64 2.67 -8.76
C ARG C 318 -29.98 1.98 -8.55
N GLN C 319 -30.23 0.92 -9.30
CA GLN C 319 -31.49 0.20 -9.13
C GLN C 319 -31.58 -0.47 -7.76
N ALA C 320 -30.48 -1.06 -7.29
CA ALA C 320 -30.48 -1.74 -5.99
C ALA C 320 -30.81 -0.82 -4.84
N TYR C 321 -30.21 0.38 -4.82
CA TYR C 321 -30.50 1.32 -3.73
C TYR C 321 -31.92 1.90 -3.80
N ALA C 322 -32.45 2.05 -5.01
CA ALA C 322 -33.87 2.45 -5.15
C ALA C 322 -34.74 1.36 -4.54
N ASP C 323 -34.44 0.09 -4.85
CA ASP C 323 -35.19 -1.04 -4.29
C ASP C 323 -35.10 -1.02 -2.77
N ARG C 324 -33.90 -0.77 -2.25
CA ARG C 324 -33.66 -0.78 -0.82
C ARG C 324 -34.64 0.17 -0.13
N SER C 325 -34.89 1.34 -0.73
CA SER C 325 -35.68 2.40 -0.10
C SER C 325 -37.14 2.03 0.14
N VAL C 326 -37.64 1.08 -0.63
CA VAL C 326 -39.02 0.64 -0.53
C VAL C 326 -39.19 -0.74 0.11
N TYR C 327 -38.30 -1.67 -0.23
CA TYR C 327 -38.55 -3.09 0.04
C TYR C 327 -37.78 -3.72 1.20
N MET C 328 -36.91 -2.92 1.83
CA MET C 328 -36.03 -3.45 2.87
C MET C 328 -36.34 -2.97 4.27
N GLY C 329 -36.34 -3.92 5.20
CA GLY C 329 -36.55 -3.64 6.60
C GLY C 329 -36.32 -4.94 7.37
N ASP C 330 -36.56 -4.90 8.67
CA ASP C 330 -36.51 -6.12 9.51
C ASP C 330 -37.65 -7.04 9.06
N ALA C 331 -37.28 -8.17 8.44
CA ALA C 331 -38.25 -9.12 7.86
C ALA C 331 -39.13 -9.82 8.89
N ASP C 332 -38.76 -9.70 10.16
CA ASP C 332 -39.59 -10.21 11.26
C ASP C 332 -40.86 -9.36 11.44
N PHE C 333 -40.85 -8.13 10.92
CA PHE C 333 -41.91 -7.15 11.15
C PHE C 333 -42.64 -6.70 9.88
N VAL C 334 -41.94 -6.78 8.74
CA VAL C 334 -42.52 -6.40 7.45
C VAL C 334 -42.15 -7.45 6.40
N SER C 335 -42.92 -7.46 5.32
N SER C 335 -42.90 -7.47 5.31
CA SER C 335 -42.63 -8.33 4.18
CA SER C 335 -42.64 -8.41 4.22
C SER C 335 -41.40 -7.82 3.44
C SER C 335 -41.51 -7.94 3.32
N VAL C 336 -40.40 -8.69 3.32
CA VAL C 336 -39.20 -8.35 2.53
C VAL C 336 -38.97 -9.41 1.45
N PRO C 337 -39.02 -9.00 0.16
CA PRO C 337 -38.91 -10.01 -0.92
C PRO C 337 -37.45 -10.40 -1.25
N VAL C 338 -36.77 -10.95 -0.25
CA VAL C 338 -35.36 -11.34 -0.40
C VAL C 338 -35.13 -12.26 -1.60
N ASP C 339 -35.92 -13.33 -1.70
CA ASP C 339 -35.73 -14.30 -2.78
C ASP C 339 -35.86 -13.67 -4.17
N LYS C 340 -36.81 -12.74 -4.33
CA LYS C 340 -36.97 -12.03 -5.60
C LYS C 340 -35.79 -11.10 -5.89
N LEU C 341 -35.31 -10.42 -4.84
CA LEU C 341 -34.20 -9.47 -5.02
C LEU C 341 -32.90 -10.15 -5.41
N ILE C 342 -32.69 -11.39 -4.95
CA ILE C 342 -31.45 -12.10 -5.23
C ILE C 342 -31.57 -13.08 -6.40
N ASN C 343 -32.76 -13.14 -7.02
CA ASN C 343 -33.00 -14.05 -8.15
C ASN C 343 -32.27 -13.52 -9.37
N LYS C 344 -31.53 -14.40 -10.03
CA LYS C 344 -30.81 -13.98 -11.24
C LYS C 344 -31.74 -13.50 -12.36
N ALA C 345 -32.99 -13.98 -12.38
CA ALA C 345 -33.93 -13.54 -13.41
C ALA C 345 -34.29 -12.06 -13.25
N TYR C 346 -34.42 -11.61 -12.00
CA TYR C 346 -34.65 -10.18 -11.72
C TYR C 346 -33.44 -9.36 -12.16
N ALA C 347 -32.24 -9.85 -11.81
CA ALA C 347 -31.00 -9.17 -12.21
C ALA C 347 -30.85 -9.08 -13.72
N LYS C 348 -31.27 -10.12 -14.43
CA LYS C 348 -31.25 -10.09 -15.90
C LYS C 348 -32.20 -9.00 -16.44
N LYS C 349 -33.38 -8.86 -15.82
CA LYS C 349 -34.27 -7.76 -16.18
C LYS C 349 -33.62 -6.40 -15.95
N ILE C 350 -32.96 -6.21 -14.79
CA ILE C 350 -32.24 -4.96 -14.54
C ILE C 350 -31.16 -4.75 -15.61
N PHE C 351 -30.36 -5.79 -15.84
CA PHE C 351 -29.34 -5.70 -16.88
C PHE C 351 -29.93 -5.24 -18.22
N ASP C 352 -31.08 -5.80 -18.59
CA ASP C 352 -31.67 -5.43 -19.88
C ASP C 352 -32.08 -3.96 -19.96
N THR C 353 -32.45 -3.35 -18.82
CA THR C 353 -32.86 -1.95 -18.77
C THR C 353 -31.68 -0.98 -18.85
N ILE C 354 -30.48 -1.51 -18.60
CA ILE C 354 -29.27 -0.70 -18.67
C ILE C 354 -28.88 -0.50 -20.12
N GLN C 355 -29.02 0.73 -20.59
CA GLN C 355 -28.74 1.08 -21.98
C GLN C 355 -27.27 1.45 -22.15
N PRO C 356 -26.63 0.98 -23.24
CA PRO C 356 -25.22 1.26 -23.46
C PRO C 356 -24.92 2.76 -23.48
N ASP C 357 -23.82 3.15 -22.84
CA ASP C 357 -23.30 4.54 -22.90
C ASP C 357 -24.15 5.60 -22.22
N THR C 358 -25.18 5.19 -21.49
CA THR C 358 -26.05 6.17 -20.88
C THR C 358 -26.59 5.74 -19.53
N VAL C 359 -26.75 6.72 -18.64
CA VAL C 359 -27.36 6.49 -17.33
C VAL C 359 -28.87 6.57 -17.44
N THR C 360 -29.55 5.97 -16.46
CA THR C 360 -30.93 6.32 -16.17
C THR C 360 -30.90 7.31 -15.00
N PRO C 361 -31.35 8.56 -15.20
CA PRO C 361 -31.39 9.49 -14.05
C PRO C 361 -32.19 8.89 -12.89
N SER C 362 -31.75 9.14 -11.66
CA SER C 362 -32.42 8.52 -10.51
C SER C 362 -33.90 8.86 -10.41
N SER C 363 -34.29 10.04 -10.85
CA SER C 363 -35.68 10.46 -10.82
C SER C 363 -36.58 9.59 -11.72
N GLN C 364 -35.97 8.85 -12.64
CA GLN C 364 -36.69 7.97 -13.57
C GLN C 364 -36.70 6.49 -13.15
N ILE C 365 -35.95 6.17 -12.11
CA ILE C 365 -35.84 4.79 -11.60
C ILE C 365 -37.10 4.45 -10.81
N LYS C 366 -37.62 3.25 -11.05
CA LYS C 366 -38.77 2.77 -10.30
C LYS C 366 -38.34 1.64 -9.38
N PRO C 367 -38.42 1.86 -8.05
CA PRO C 367 -38.11 0.76 -7.14
C PRO C 367 -38.90 -0.50 -7.51
N GLY C 368 -38.20 -1.62 -7.66
CA GLY C 368 -38.85 -2.89 -8.00
C GLY C 368 -39.04 -3.18 -9.47
N MET C 369 -38.98 -2.15 -10.33
CA MET C 369 -39.09 -2.30 -11.79
C MET C 369 -40.35 -3.04 -12.22
N GLY C 370 -41.39 -2.96 -11.40
CA GLY C 370 -42.64 -3.64 -11.71
C GLY C 370 -42.60 -5.14 -11.42
N GLN C 371 -41.55 -5.58 -10.75
CA GLN C 371 -41.32 -7.02 -10.50
C GLN C 371 -41.60 -7.45 -9.07
N LEU C 372 -41.77 -6.49 -8.18
CA LEU C 372 -41.94 -6.80 -6.76
C LEU C 372 -43.35 -6.50 -6.23
N HIS C 373 -44.32 -6.36 -7.12
CA HIS C 373 -45.74 -6.25 -6.72
C HIS C 373 -46.33 -7.60 -6.33
N GLU C 374 -46.82 -7.69 -5.10
CA GLU C 374 -47.61 -8.84 -4.65
C GLU C 374 -49.08 -8.49 -4.89
N GLY C 375 -49.51 -8.56 -6.15
CA GLY C 375 -50.84 -8.08 -6.51
C GLY C 375 -50.96 -6.57 -6.27
N SER C 376 -52.06 -6.16 -5.66
CA SER C 376 -52.31 -4.73 -5.42
C SER C 376 -51.80 -4.25 -4.07
N ASN C 377 -51.01 -5.08 -3.39
CA ASN C 377 -50.41 -4.71 -2.10
C ASN C 377 -49.44 -3.55 -2.23
N THR D 1 -17.93 2.21 12.58
CA THR D 1 -18.13 0.76 12.33
C THR D 1 -16.78 0.08 12.10
N THR D 2 -16.71 -1.22 12.36
CA THR D 2 -15.48 -1.97 12.10
C THR D 2 -15.82 -3.40 11.69
N HIS D 3 -14.96 -3.98 10.85
CA HIS D 3 -15.12 -5.34 10.38
C HIS D 3 -13.90 -6.15 10.71
N TYR D 4 -14.12 -7.40 11.14
CA TYR D 4 -12.98 -8.31 11.27
C TYR D 4 -13.26 -9.68 10.70
N SER D 5 -12.20 -10.35 10.27
CA SER D 5 -12.28 -11.59 9.51
C SER D 5 -11.38 -12.63 10.15
N VAL D 6 -11.89 -13.85 10.29
CA VAL D 6 -11.12 -14.94 10.90
C VAL D 6 -11.26 -16.23 10.08
N ALA D 7 -10.15 -16.92 9.86
CA ALA D 7 -10.19 -18.22 9.21
C ALA D 7 -9.23 -19.14 9.94
N ASP D 8 -9.67 -20.35 10.26
CA ASP D 8 -8.83 -21.27 11.02
C ASP D 8 -8.39 -22.51 10.22
N ARG D 9 -7.57 -23.36 10.83
CA ARG D 9 -6.97 -24.51 10.14
C ARG D 9 -7.94 -25.67 9.88
N TRP D 10 -9.09 -25.62 10.54
CA TRP D 10 -10.10 -26.67 10.37
C TRP D 10 -11.06 -26.37 9.21
N GLY D 11 -10.99 -25.16 8.67
CA GLY D 11 -11.86 -24.75 7.58
C GLY D 11 -13.03 -23.87 7.99
N ASN D 12 -13.07 -23.46 9.25
CA ASN D 12 -14.09 -22.50 9.69
C ASN D 12 -13.71 -21.10 9.24
N ALA D 13 -14.71 -20.27 8.99
CA ALA D 13 -14.47 -18.86 8.72
C ALA D 13 -15.56 -18.06 9.39
N VAL D 14 -15.17 -16.91 9.95
CA VAL D 14 -16.10 -16.05 10.65
C VAL D 14 -15.88 -14.63 10.14
N SER D 15 -16.95 -13.98 9.70
CA SER D 15 -16.90 -12.62 9.18
C SER D 15 -17.82 -11.78 10.05
N VAL D 16 -17.25 -10.79 10.75
CA VAL D 16 -18.02 -10.00 11.73
C VAL D 16 -17.94 -8.50 11.41
N THR D 17 -19.09 -7.87 11.21
CA THR D 17 -19.15 -6.41 11.16
C THR D 17 -19.99 -5.98 12.35
N TYR D 18 -19.47 -5.08 13.17
CA TYR D 18 -20.26 -4.57 14.28
C TYR D 18 -19.97 -3.09 14.54
N THR D 19 -20.80 -2.45 15.36
CA THR D 19 -20.83 -0.99 15.30
C THR D 19 -21.62 -0.35 16.43
N ILE D 20 -21.33 0.93 16.69
CA ILE D 20 -22.22 1.79 17.46
C ILE D 20 -22.86 2.87 16.58
N ASN D 21 -22.73 2.64 15.27
CA ASN D 21 -23.22 3.49 14.17
C ASN D 21 -22.24 4.63 13.86
N ALA D 22 -22.56 5.85 14.26
CA ALA D 22 -21.64 6.97 14.05
C ALA D 22 -20.32 6.71 14.81
N SER D 23 -19.32 7.50 14.47
CA SER D 23 -18.07 7.47 15.20
C SER D 23 -18.36 7.88 16.65
N TYR D 24 -18.08 6.97 17.58
CA TYR D 24 -18.41 7.11 19.01
C TYR D 24 -19.92 7.05 19.27
N GLY D 25 -20.67 6.52 18.30
CA GLY D 25 -22.11 6.28 18.51
C GLY D 25 -22.85 7.56 18.82
N SER D 26 -23.71 7.48 19.85
CA SER D 26 -24.52 8.61 20.32
C SER D 26 -23.69 9.65 21.08
N ALA D 27 -22.42 9.33 21.32
CA ALA D 27 -21.49 10.13 22.15
C ALA D 27 -21.79 10.16 23.63
N ALA D 28 -22.84 9.44 24.03
CA ALA D 28 -23.26 9.31 25.43
C ALA D 28 -22.84 7.96 25.96
N SER D 29 -22.23 7.96 27.14
CA SER D 29 -21.79 6.74 27.81
C SER D 29 -22.68 6.38 28.98
N ILE D 30 -22.71 5.10 29.33
CA ILE D 30 -23.44 4.70 30.55
C ILE D 30 -22.56 4.97 31.78
N ASP D 31 -23.01 5.90 32.61
CA ASP D 31 -22.26 6.27 33.79
C ASP D 31 -22.09 5.08 34.75
N GLY D 32 -20.85 4.86 35.16
CA GLY D 32 -20.50 3.72 36.00
C GLY D 32 -20.10 2.47 35.24
N ALA D 33 -20.32 2.44 33.92
CA ALA D 33 -20.10 1.24 33.13
C ALA D 33 -19.03 1.40 32.07
N GLY D 34 -18.72 2.66 31.72
CA GLY D 34 -17.54 2.94 30.91
C GLY D 34 -17.68 2.70 29.42
N PHE D 35 -18.91 2.46 28.93
CA PHE D 35 -19.08 2.24 27.49
C PHE D 35 -20.03 3.22 26.80
N LEU D 36 -19.73 3.48 25.54
CA LEU D 36 -20.56 4.34 24.67
C LEU D 36 -21.82 3.63 24.18
N LEU D 37 -22.91 4.36 24.21
CA LEU D 37 -24.18 3.92 23.61
C LEU D 37 -24.18 4.14 22.10
N ASN D 38 -24.75 3.18 21.37
CA ASN D 38 -24.97 3.36 19.95
C ASN D 38 -25.96 4.49 19.62
N ASN D 39 -25.90 5.00 18.40
CA ASN D 39 -27.01 5.79 17.85
C ASN D 39 -27.65 5.05 16.66
N GLU D 40 -27.90 3.76 16.88
CA GLU D 40 -28.44 2.91 15.81
C GLU D 40 -29.88 3.25 15.43
N MET D 41 -30.59 3.97 16.28
CA MET D 41 -31.97 4.36 15.95
C MET D 41 -32.02 5.21 14.67
N ASP D 42 -30.91 5.87 14.33
CA ASP D 42 -30.86 6.68 13.10
C ASP D 42 -30.87 5.84 11.82
N ASP D 43 -30.68 4.53 11.97
CA ASP D 43 -30.77 3.61 10.84
C ASP D 43 -32.20 3.25 10.46
N PHE D 44 -33.16 3.56 11.34
CA PHE D 44 -34.58 3.55 10.93
C PHE D 44 -34.88 4.74 10.03
N SER D 45 -35.99 4.67 9.29
CA SER D 45 -36.55 5.87 8.67
C SER D 45 -37.38 6.51 9.78
N ILE D 46 -36.97 7.70 10.21
CA ILE D 46 -37.66 8.38 11.32
C ILE D 46 -38.81 9.25 10.81
N LYS D 47 -38.86 9.45 9.50
CA LYS D 47 -39.93 10.20 8.82
C LYS D 47 -39.81 9.84 7.34
N PRO D 48 -40.94 9.48 6.67
CA PRO D 48 -40.81 9.05 5.27
C PRO D 48 -40.08 10.06 4.41
N GLY D 49 -39.06 9.61 3.67
CA GLY D 49 -38.32 10.46 2.76
C GLY D 49 -37.22 11.29 3.41
N ASN D 50 -37.13 11.26 4.74
CA ASN D 50 -36.05 11.95 5.45
C ASN D 50 -34.73 11.21 5.26
N PRO D 51 -33.69 11.90 4.74
CA PRO D 51 -32.39 11.22 4.61
C PRO D 51 -31.66 11.10 5.95
N ASN D 52 -31.13 9.89 6.25
CA ASN D 52 -30.39 9.70 7.50
C ASN D 52 -28.93 10.10 7.34
N LEU D 53 -28.09 9.69 8.30
CA LEU D 53 -26.68 10.11 8.31
C LEU D 53 -25.89 9.76 7.04
N TYR D 54 -26.36 8.75 6.31
CA TYR D 54 -25.71 8.28 5.07
C TYR D 54 -26.50 8.60 3.82
N GLY D 55 -27.53 9.44 3.98
CA GLY D 55 -28.39 9.86 2.88
C GLY D 55 -29.38 8.82 2.43
N LEU D 56 -29.57 7.78 3.26
CA LEU D 56 -30.52 6.72 2.97
C LEU D 56 -31.93 7.12 3.36
N VAL D 57 -32.91 6.66 2.58
CA VAL D 57 -34.31 7.01 2.83
C VAL D 57 -35.19 5.77 2.94
N GLY D 58 -36.40 5.96 3.44
CA GLY D 58 -37.32 4.85 3.64
C GLY D 58 -38.76 5.30 3.77
N GLY D 59 -39.61 4.34 4.05
CA GLY D 59 -41.04 4.59 4.23
C GLY D 59 -41.57 3.61 5.27
N ASP D 60 -42.50 2.76 4.87
CA ASP D 60 -43.13 1.83 5.82
C ASP D 60 -42.22 0.69 6.27
N ALA D 61 -41.47 0.08 5.35
CA ALA D 61 -40.73 -1.14 5.71
C ALA D 61 -39.74 -0.92 6.85
N ASN D 62 -39.05 0.22 6.82
CA ASN D 62 -38.01 0.52 7.80
C ASN D 62 -38.42 1.61 8.79
N ALA D 63 -39.73 1.75 9.00
CA ALA D 63 -40.26 2.62 10.04
C ALA D 63 -40.01 2.00 11.42
N ILE D 64 -39.97 2.85 12.45
CA ILE D 64 -39.72 2.40 13.81
C ILE D 64 -40.96 1.66 14.31
N GLU D 65 -40.71 0.48 14.91
CA GLU D 65 -41.71 -0.27 15.69
C GLU D 65 -40.97 -0.78 16.93
N ALA D 66 -41.65 -0.85 18.07
CA ALA D 66 -41.03 -1.42 19.28
C ALA D 66 -40.46 -2.79 18.96
N ASN D 67 -39.23 -3.03 19.42
CA ASN D 67 -38.55 -4.34 19.33
C ASN D 67 -38.02 -4.70 17.96
N LYS D 68 -38.30 -3.86 16.97
CA LYS D 68 -37.86 -4.06 15.59
C LYS D 68 -36.38 -3.68 15.48
N ARG D 69 -35.65 -4.35 14.58
CA ARG D 69 -34.23 -4.05 14.34
C ARG D 69 -34.09 -3.05 13.17
N PRO D 70 -33.36 -1.95 13.38
CA PRO D 70 -33.22 -0.98 12.28
C PRO D 70 -32.44 -1.58 11.12
N LEU D 71 -32.86 -1.25 9.90
CA LEU D 71 -32.18 -1.77 8.70
C LEU D 71 -30.70 -1.38 8.70
N SER D 72 -29.85 -2.36 8.37
CA SER D 72 -28.41 -2.15 8.25
C SER D 72 -27.97 -2.26 6.80
N SER D 73 -26.76 -1.79 6.51
CA SER D 73 -26.08 -2.08 5.26
C SER D 73 -24.87 -3.00 5.46
N MET D 74 -24.64 -3.43 6.72
CA MET D 74 -23.44 -4.24 6.98
C MET D 74 -23.47 -5.54 6.18
N SER D 75 -22.33 -5.86 5.58
CA SER D 75 -22.22 -6.95 4.62
C SER D 75 -21.05 -7.91 4.92
N PRO D 76 -21.01 -8.50 6.14
CA PRO D 76 -19.95 -9.47 6.37
C PRO D 76 -20.22 -10.65 5.45
N THR D 77 -19.18 -11.07 4.72
CA THR D 77 -19.32 -11.98 3.59
C THR D 77 -18.23 -13.05 3.60
N ILE D 78 -18.61 -14.23 3.13
CA ILE D 78 -17.67 -15.33 2.87
C ILE D 78 -17.88 -15.80 1.44
N VAL D 79 -16.78 -15.95 0.69
CA VAL D 79 -16.84 -16.48 -0.65
C VAL D 79 -16.18 -17.86 -0.66
N LEU D 80 -16.86 -18.82 -1.29
CA LEU D 80 -16.34 -20.18 -1.44
C LEU D 80 -15.97 -20.46 -2.89
N LYS D 81 -14.91 -21.23 -3.06
CA LYS D 81 -14.49 -21.74 -4.35
C LYS D 81 -14.39 -23.25 -4.22
N ASN D 82 -15.16 -23.96 -5.05
CA ASN D 82 -15.20 -25.43 -5.00
C ASN D 82 -15.44 -25.94 -3.58
N ASN D 83 -16.36 -25.27 -2.87
CA ASN D 83 -16.81 -25.67 -1.53
C ASN D 83 -15.82 -25.38 -0.40
N LYS D 84 -14.74 -24.68 -0.71
CA LYS D 84 -13.71 -24.38 0.28
C LYS D 84 -13.69 -22.87 0.45
N VAL D 85 -13.36 -22.40 1.66
CA VAL D 85 -13.19 -20.96 1.89
C VAL D 85 -12.21 -20.35 0.89
N PHE D 86 -12.64 -19.23 0.30
CA PHE D 86 -11.84 -18.50 -0.69
C PHE D 86 -11.56 -17.08 -0.19
N LEU D 87 -12.61 -16.34 0.18
CA LEU D 87 -12.46 -15.01 0.73
C LEU D 87 -13.29 -14.86 2.00
N VAL D 88 -12.75 -14.14 2.97
CA VAL D 88 -13.54 -13.65 4.11
C VAL D 88 -13.39 -12.13 4.05
N VAL D 89 -14.49 -11.39 4.00
CA VAL D 89 -14.40 -9.96 3.63
C VAL D 89 -15.57 -9.16 4.22
N GLY D 90 -15.32 -7.89 4.52
CA GLY D 90 -16.36 -6.98 4.98
C GLY D 90 -15.74 -5.62 5.21
N SER D 91 -16.60 -4.65 5.58
CA SER D 91 -16.18 -3.27 5.73
C SER D 91 -17.21 -2.44 6.48
N PRO D 92 -16.73 -1.39 7.19
CA PRO D 92 -17.63 -0.30 7.58
C PRO D 92 -17.86 0.69 6.43
N GLY D 93 -18.73 1.67 6.67
CA GLY D 93 -18.96 2.73 5.67
C GLY D 93 -20.41 3.08 5.43
N GLY D 94 -21.30 2.69 6.33
CA GLY D 94 -22.73 3.03 6.16
C GLY D 94 -23.26 2.53 4.84
N SER D 95 -23.88 3.43 4.06
CA SER D 95 -24.41 3.08 2.75
C SER D 95 -23.34 2.54 1.81
N ARG D 96 -22.08 2.93 2.03
CA ARG D 96 -20.98 2.52 1.15
C ARG D 96 -20.49 1.10 1.40
N ILE D 97 -20.95 0.46 2.46
CA ILE D 97 -20.45 -0.89 2.76
C ILE D 97 -20.71 -1.83 1.59
N ILE D 98 -21.95 -1.82 1.09
CA ILE D 98 -22.34 -2.79 0.05
C ILE D 98 -21.43 -2.70 -1.18
N THR D 99 -21.23 -1.46 -1.64
CA THR D 99 -20.43 -1.22 -2.83
C THR D 99 -18.93 -1.46 -2.61
N THR D 100 -18.43 -1.11 -1.42
CA THR D 100 -17.04 -1.43 -1.08
C THR D 100 -16.77 -2.93 -1.13
N VAL D 101 -17.64 -3.71 -0.48
CA VAL D 101 -17.41 -5.14 -0.40
C VAL D 101 -17.52 -5.81 -1.78
N LEU D 102 -18.51 -5.38 -2.58
CA LEU D 102 -18.64 -6.02 -3.90
C LEU D 102 -17.47 -5.69 -4.83
N GLN D 103 -16.93 -4.48 -4.71
CA GLN D 103 -15.76 -4.12 -5.52
C GLN D 103 -14.54 -4.96 -5.17
N VAL D 104 -14.32 -5.20 -3.88
CA VAL D 104 -13.20 -6.09 -3.49
C VAL D 104 -13.39 -7.49 -4.10
N ILE D 105 -14.60 -8.03 -4.00
CA ILE D 105 -14.91 -9.35 -4.56
C ILE D 105 -14.71 -9.38 -6.08
N SER D 106 -15.23 -8.37 -6.77
CA SER D 106 -15.08 -8.24 -8.22
C SER D 106 -13.60 -8.10 -8.63
N ASN D 107 -12.85 -7.30 -7.88
CA ASN D 107 -11.42 -7.16 -8.16
C ASN D 107 -10.67 -8.50 -8.18
N VAL D 108 -11.01 -9.39 -7.24
CA VAL D 108 -10.39 -10.73 -7.19
C VAL D 108 -10.90 -11.60 -8.33
N ILE D 109 -12.22 -11.69 -8.45
CA ILE D 109 -12.83 -12.64 -9.38
C ILE D 109 -12.74 -12.21 -10.84
N ASP D 110 -13.11 -10.96 -11.11
CA ASP D 110 -13.09 -10.42 -12.47
C ASP D 110 -11.70 -10.05 -12.96
N TYR D 111 -10.88 -9.44 -12.10
CA TYR D 111 -9.61 -8.85 -12.54
C TYR D 111 -8.39 -9.60 -12.07
N ASN D 112 -8.60 -10.66 -11.30
CA ASN D 112 -7.49 -11.53 -10.84
C ASN D 112 -6.46 -10.78 -10.00
N MET D 113 -6.92 -9.80 -9.24
CA MET D 113 -6.07 -9.13 -8.27
C MET D 113 -5.87 -10.05 -7.08
N ASN D 114 -4.69 -10.01 -6.47
CA ASN D 114 -4.51 -10.66 -5.17
C ASN D 114 -5.26 -9.84 -4.12
N ILE D 115 -5.36 -10.36 -2.90
CA ILE D 115 -6.19 -9.68 -1.90
C ILE D 115 -5.69 -8.26 -1.53
N SER D 116 -4.37 -8.07 -1.48
N SER D 116 -4.37 -8.08 -1.50
CA SER D 116 -3.83 -6.75 -1.23
CA SER D 116 -3.79 -6.76 -1.24
C SER D 116 -4.22 -5.77 -2.33
C SER D 116 -4.16 -5.76 -2.32
N GLU D 117 -3.99 -6.15 -3.59
CA GLU D 117 -4.37 -5.31 -4.74
C GLU D 117 -5.87 -4.99 -4.73
N ALA D 118 -6.67 -6.01 -4.45
CA ALA D 118 -8.12 -5.89 -4.46
C ALA D 118 -8.63 -4.91 -3.42
N VAL D 119 -7.97 -4.93 -2.26
CA VAL D 119 -8.34 -4.02 -1.17
C VAL D 119 -7.83 -2.60 -1.41
N SER D 120 -6.61 -2.46 -1.95
N SER D 120 -6.61 -2.47 -1.94
CA SER D 120 -6.03 -1.13 -2.15
CA SER D 120 -6.04 -1.14 -2.16
C SER D 120 -6.62 -0.37 -3.35
C SER D 120 -6.73 -0.37 -3.29
N ALA D 121 -7.18 -1.10 -4.31
CA ALA D 121 -7.72 -0.47 -5.53
C ALA D 121 -8.75 0.61 -5.21
N PRO D 122 -8.68 1.75 -5.89
CA PRO D 122 -9.71 2.80 -5.71
C PRO D 122 -11.14 2.28 -5.89
N ARG D 123 -12.05 2.84 -5.10
CA ARG D 123 -13.46 2.46 -5.08
C ARG D 123 -14.35 3.61 -5.59
N PHE D 124 -15.43 3.25 -6.29
CA PHE D 124 -16.50 4.21 -6.64
C PHE D 124 -17.79 3.79 -5.96
N HIS D 125 -18.80 4.65 -6.05
CA HIS D 125 -20.04 4.41 -5.32
C HIS D 125 -21.21 5.18 -5.92
N MET D 126 -22.33 4.48 -6.10
CA MET D 126 -23.58 5.08 -6.54
C MET D 126 -24.68 4.53 -5.63
N GLN D 127 -25.43 5.43 -5.00
CA GLN D 127 -26.49 5.01 -4.10
C GLN D 127 -27.87 5.57 -4.46
N TRP D 128 -28.02 6.01 -5.72
CA TRP D 128 -29.29 6.44 -6.31
C TRP D 128 -29.66 7.86 -5.87
N LEU D 129 -29.85 8.07 -4.55
CA LEU D 129 -29.93 9.40 -3.97
C LEU D 129 -28.84 9.53 -2.89
N PRO D 130 -27.95 10.54 -3.00
CA PRO D 130 -27.91 11.54 -4.08
C PRO D 130 -27.54 10.91 -5.43
N ASP D 131 -27.98 11.54 -6.51
CA ASP D 131 -27.67 11.06 -7.85
C ASP D 131 -26.30 11.54 -8.25
N GLU D 132 -25.27 10.82 -7.78
CA GLU D 132 -23.87 11.19 -8.03
C GLU D 132 -23.01 9.94 -8.04
N LEU D 133 -21.91 10.00 -8.78
CA LEU D 133 -20.93 8.92 -8.77
C LEU D 133 -19.79 9.40 -7.87
N ARG D 134 -19.73 8.80 -6.68
CA ARG D 134 -18.74 9.15 -5.68
C ARG D 134 -17.44 8.40 -5.93
N ILE D 135 -16.33 9.15 -5.94
CA ILE D 135 -15.01 8.56 -6.16
C ILE D 135 -14.01 9.03 -5.12
N GLU D 136 -12.80 8.48 -5.18
CA GLU D 136 -11.73 8.79 -4.23
C GLU D 136 -10.64 9.61 -4.90
N LYS D 137 -9.91 10.36 -4.09
CA LYS D 137 -8.81 11.17 -4.62
C LYS D 137 -7.78 10.26 -5.31
N PHE D 138 -7.31 10.67 -6.48
CA PHE D 138 -6.42 9.88 -7.34
C PHE D 138 -7.02 8.56 -7.83
N GLY D 139 -8.32 8.38 -7.66
CA GLY D 139 -8.95 7.10 -7.97
C GLY D 139 -9.37 6.87 -9.41
N MET D 140 -9.55 7.95 -10.15
CA MET D 140 -10.06 7.89 -11.50
C MET D 140 -9.39 8.96 -12.36
N PRO D 141 -8.74 8.55 -13.47
CA PRO D 141 -8.07 9.52 -14.32
C PRO D 141 -9.02 10.32 -15.20
N ALA D 142 -8.55 11.47 -15.69
CA ALA D 142 -9.33 12.38 -16.52
C ALA D 142 -10.13 11.66 -17.61
N ASP D 143 -9.47 10.75 -18.33
CA ASP D 143 -10.09 10.11 -19.50
C ASP D 143 -11.32 9.32 -19.09
N VAL D 144 -11.23 8.61 -17.96
CA VAL D 144 -12.34 7.82 -17.43
C VAL D 144 -13.45 8.74 -16.93
N LYS D 145 -13.08 9.78 -16.18
CA LYS D 145 -14.05 10.76 -15.71
C LYS D 145 -14.80 11.40 -16.87
N ASP D 146 -14.08 11.77 -17.92
CA ASP D 146 -14.73 12.44 -19.07
C ASP D 146 -15.74 11.53 -19.73
N ASN D 147 -15.40 10.24 -19.86
CA ASN D 147 -16.30 9.32 -20.51
C ASN D 147 -17.53 9.05 -19.65
N LEU D 148 -17.33 8.92 -18.33
CA LEU D 148 -18.46 8.70 -17.43
C LEU D 148 -19.35 9.94 -17.36
N THR D 149 -18.73 11.12 -17.36
CA THR D 149 -19.51 12.37 -17.37
C THR D 149 -20.36 12.43 -18.64
N LYS D 150 -19.78 12.07 -19.79
CA LYS D 150 -20.53 12.05 -21.05
C LYS D 150 -21.67 11.01 -21.09
N MET D 151 -21.62 10.03 -20.20
CA MET D 151 -22.71 9.07 -20.06
C MET D 151 -23.85 9.65 -19.21
N GLY D 152 -23.50 10.64 -18.39
CA GLY D 152 -24.49 11.31 -17.54
C GLY D 152 -24.20 11.22 -16.05
N TYR D 153 -23.02 10.71 -15.67
CA TYR D 153 -22.66 10.73 -14.24
C TYR D 153 -22.20 12.10 -13.80
N GLN D 154 -22.66 12.50 -12.60
CA GLN D 154 -22.11 13.65 -11.89
C GLN D 154 -21.10 13.11 -10.89
N ILE D 155 -19.83 13.30 -11.20
CA ILE D 155 -18.74 12.71 -10.44
C ILE D 155 -18.36 13.67 -9.30
N VAL D 156 -18.26 13.13 -8.09
N VAL D 156 -18.27 13.11 -8.10
CA VAL D 156 -17.81 13.92 -6.95
CA VAL D 156 -17.85 13.88 -6.92
C VAL D 156 -16.73 13.18 -6.17
C VAL D 156 -16.70 13.14 -6.23
N THR D 157 -15.65 13.88 -5.85
CA THR D 157 -14.55 13.31 -5.08
C THR D 157 -14.85 13.59 -3.61
N LYS D 158 -14.86 12.53 -2.81
CA LYS D 158 -15.19 12.59 -1.39
C LYS D 158 -14.17 11.77 -0.59
N PRO D 159 -14.23 11.82 0.76
CA PRO D 159 -13.24 11.08 1.54
C PRO D 159 -13.23 9.60 1.20
N VAL D 160 -12.08 8.95 1.44
CA VAL D 160 -11.95 7.52 1.14
C VAL D 160 -13.04 6.69 1.81
N MET D 161 -13.45 5.65 1.08
CA MET D 161 -14.56 4.81 1.51
C MET D 161 -14.08 3.47 2.05
N GLY D 162 -14.38 3.22 3.32
CA GLY D 162 -14.29 1.86 3.85
C GLY D 162 -13.03 1.54 4.63
N ASP D 163 -13.01 0.32 5.17
CA ASP D 163 -11.86 -0.17 5.92
C ASP D 163 -11.96 -1.69 5.91
N VAL D 164 -11.49 -2.26 4.81
CA VAL D 164 -11.67 -3.69 4.58
C VAL D 164 -10.59 -4.50 5.25
N ASN D 165 -11.00 -5.46 6.07
CA ASN D 165 -10.09 -6.50 6.54
C ASN D 165 -10.48 -7.82 5.91
N ALA D 166 -9.58 -8.38 5.10
CA ALA D 166 -9.95 -9.52 4.27
C ALA D 166 -8.91 -10.62 4.32
N ILE D 167 -9.40 -11.85 4.18
CA ILE D 167 -8.55 -13.04 4.09
C ILE D 167 -8.82 -13.74 2.77
N GLN D 168 -7.74 -14.15 2.10
CA GLN D 168 -7.85 -15.05 0.94
C GLN D 168 -7.18 -16.37 1.29
N VAL D 169 -7.88 -17.47 0.99
CA VAL D 169 -7.37 -18.80 1.32
C VAL D 169 -7.14 -19.55 0.00
N LEU D 170 -5.93 -20.09 -0.15
CA LEU D 170 -5.60 -20.83 -1.36
C LEU D 170 -5.08 -22.22 -1.03
N PRO D 171 -5.44 -23.21 -1.87
CA PRO D 171 -4.84 -24.53 -1.75
C PRO D 171 -3.38 -24.47 -2.15
N LYS D 172 -2.54 -25.16 -1.40
CA LYS D 172 -1.16 -25.41 -1.80
C LYS D 172 -0.96 -26.92 -1.95
N THR D 173 0.29 -27.35 -2.15
CA THR D 173 0.66 -28.77 -2.18
C THR D 173 -0.13 -29.59 -1.15
N LYS D 174 0.08 -29.28 0.12
CA LYS D 174 -0.68 -29.89 1.20
C LYS D 174 -1.33 -28.80 2.04
N GLY D 175 -2.67 -28.83 2.11
CA GLY D 175 -3.41 -27.87 2.91
C GLY D 175 -3.48 -26.49 2.29
N SER D 176 -3.63 -25.48 3.15
CA SER D 176 -3.95 -24.12 2.73
C SER D 176 -2.91 -23.08 3.14
N VAL D 177 -2.81 -22.03 2.33
CA VAL D 177 -2.10 -20.82 2.71
C VAL D 177 -3.16 -19.73 2.96
N PHE D 178 -2.97 -18.94 4.02
CA PHE D 178 -3.88 -17.84 4.36
C PHE D 178 -3.15 -16.54 4.11
N TYR D 179 -3.74 -15.70 3.25
CA TYR D 179 -3.16 -14.41 2.92
C TYR D 179 -4.12 -13.32 3.50
N GLY D 180 -3.55 -12.29 4.12
CA GLY D 180 -4.36 -11.23 4.72
C GLY D 180 -4.12 -9.85 4.14
N SER D 181 -5.12 -8.97 4.22
CA SER D 181 -4.91 -7.57 3.92
C SER D 181 -5.77 -6.69 4.80
N THR D 182 -5.11 -5.70 5.39
CA THR D 182 -5.81 -4.59 6.04
C THR D 182 -5.94 -3.49 4.99
N ASP D 183 -6.65 -2.41 5.31
CA ASP D 183 -6.94 -1.39 4.32
C ASP D 183 -5.98 -0.21 4.50
N PRO D 184 -5.32 0.23 3.40
CA PRO D 184 -4.50 1.45 3.42
C PRO D 184 -5.26 2.69 3.85
N ARG D 185 -6.60 2.66 3.74
CA ARG D 185 -7.43 3.80 4.08
C ARG D 185 -7.54 4.03 5.59
N LYS D 186 -7.22 3.01 6.37
CA LYS D 186 -7.20 3.10 7.82
C LYS D 186 -6.04 3.98 8.26
N GLU E . 24.12 -0.43 -14.46
CA GLU E . 22.92 0.45 -14.63
C GLU E . 23.30 1.90 -14.55
O GLU E . 22.57 2.74 -15.09
CB GLU E . 21.85 0.12 -13.58
CG GLU E . 21.22 -1.26 -13.76
CD GLU E . 19.94 -1.44 -12.95
OE1 GLU E . 19.35 -2.55 -13.00
OE2 GLU E . 19.53 -0.48 -12.25
OXT GLU E . 24.34 2.25 -13.92
N GLU F . -25.04 1.75 11.19
CA GLU F . -24.66 1.50 9.77
C GLU F . -25.26 0.17 9.35
O GLU F . -25.43 -0.05 8.16
CB GLU F . -23.14 1.46 9.58
CG GLU F . -22.44 2.79 9.83
CD GLU F . -21.00 2.78 9.34
OE1 GLU F . -20.30 3.82 9.49
OE2 GLU F . -20.56 1.73 8.84
OXT GLU F . -25.55 -0.68 10.21
#